data_4GPB
#
_entry.id   4GPB
#
_cell.length_a   128.500
_cell.length_b   128.500
_cell.length_c   116.300
_cell.angle_alpha   90.00
_cell.angle_beta   90.00
_cell.angle_gamma   90.00
#
_symmetry.space_group_name_H-M   'P 43 21 2'
#
loop_
_entity.id
_entity.type
_entity.pdbx_description
1 polymer 'GLYCOGEN PHOSPHORYLASE B'
2 non-polymer 2-deoxy-2-fluoro-1-O-phosphono-alpha-D-glucopyranose
3 non-polymer "PYRIDOXAL-5'-PHOSPHATE"
4 water water
#
_entity_poly.entity_id   1
_entity_poly.type   'polypeptide(L)'
_entity_poly.pdbx_seq_one_letter_code
;SRPLSDQEKRKQISVRGLAGVENVTELKKNFNRHLHFTLVKDRNVATPRDYYFALAHTVRDHLVGRWIRTQQHYYEKDPK
RIYYLSLEFYMGRTLQNTMVNLALENACDEATYQLGLDMEELEEIEEDAGLGNGGLGRLAACFLDSMATLGLAAYGYGIR
YEFGIFNQKICGGWQMEEADDWLRYGNPWEKARPEFTLPVHFYGRVEHTSQGAKWVDTQVVLAMPYDTPVPGYRNNVVNT
MRLWSAKAPNDFNLKDFNVGGYIQAVLDRNLAENISRVLYPNDNFFEGKELRLKQEYFVVAATLQDIIRRFKSSKFGCRD
PVRTNFDAFPDKVAIQLNDTHPSLAIPELMRVLVDLERLDWDKAWEVTVKTCAYTNHTVIPEALERWPVHLLETLLPRHL
QIIYEINQRFLNRVAAAFPGDVDRLRRMSLVEEGAVKRINMAHLCIAGSHAVNGVARIHSEILKKTIFKDFYELEPHKFQ
NKTNGITPRRWLVLCNPGLAEIIAERIGEEYISDLDQLRKLLSYVDDEAFIRDVAKVKQENKLKFAAYLEREYKVHINPN
SLFDVQVKRIHEYKRQLLNCLHVITLYNRIKKEPNKFVVPRTVMIGGKAAPGYHMAKMIIKLITAIGDVVNHDPVVGDRL
RVIFLENYRVSLAEKVIPAADLSEQISTAGTEASGTGNMKFMLNGALTIGTMDGANVEMAEEAGEENFFIFGMRVEDVDR
LDQRGYNAQEYYDRIPELRQIIEQLSSGFFSPKQPDLFKDIVNMLMHHDRFKVFADYEEYVKCQERVSALYKNPREWTRM
VIRNIATSGKFSSDRTIAQYAREIWGVEPSRQRLPAPDEKIP
;
_entity_poly.pdbx_strand_id   A
#
loop_
_chem_comp.id
_chem_comp.type
_chem_comp.name
_chem_comp.formula
GFP D-saccharide 2-deoxy-2-fluoro-1-O-phosphono-alpha-D-glucopyranose 'C6 H12 F O8 P'
PLP non-polymer PYRIDOXAL-5'-PHOSPHATE 'C8 H10 N O6 P'
#
# COMPACT_ATOMS: atom_id res chain seq x y z
N ARG A 10 -29.94 3.64 -3.13
CA ARG A 10 -31.33 3.44 -3.52
C ARG A 10 -32.11 2.66 -2.46
N LYS A 11 -31.51 1.57 -1.99
CA LYS A 11 -32.12 0.68 -1.00
C LYS A 11 -30.98 -0.19 -0.46
N GLN A 12 -31.20 -0.76 0.73
CA GLN A 12 -30.45 -1.90 1.20
C GLN A 12 -30.90 -2.35 2.57
N ILE A 13 -30.53 -3.62 2.80
CA ILE A 13 -30.75 -4.35 4.06
C ILE A 13 -29.51 -5.21 4.22
N SER A 14 -29.18 -6.07 3.25
CA SER A 14 -27.96 -6.86 3.27
C SER A 14 -27.74 -7.69 4.54
N VAL A 15 -26.63 -8.42 4.66
CA VAL A 15 -26.32 -9.04 5.94
C VAL A 15 -24.99 -8.45 6.48
N ARG A 16 -25.24 -7.17 6.83
CA ARG A 16 -24.27 -6.29 7.47
C ARG A 16 -24.48 -6.52 8.98
N GLY A 17 -24.83 -7.74 9.39
CA GLY A 17 -25.16 -8.07 10.77
C GLY A 17 -26.60 -7.75 11.15
N LEU A 18 -26.80 -7.95 12.45
CA LEU A 18 -28.08 -7.72 13.09
C LEU A 18 -28.27 -6.35 13.74
N ALA A 19 -29.48 -5.86 13.56
CA ALA A 19 -29.92 -4.66 14.20
C ALA A 19 -30.84 -5.18 15.29
N GLY A 20 -30.33 -5.68 16.42
CA GLY A 20 -31.19 -6.17 17.51
C GLY A 20 -31.70 -5.14 18.53
N VAL A 21 -33.01 -5.06 18.78
CA VAL A 21 -33.74 -4.24 19.78
C VAL A 21 -32.95 -3.47 20.84
N GLU A 22 -32.31 -4.15 21.81
CA GLU A 22 -31.45 -3.53 22.84
C GLU A 22 -30.21 -2.77 22.37
N ASN A 23 -29.64 -3.25 21.27
CA ASN A 23 -28.45 -2.66 20.67
C ASN A 23 -28.73 -1.42 19.86
N VAL A 24 -29.78 -1.31 19.06
CA VAL A 24 -30.06 -0.07 18.35
C VAL A 24 -30.38 1.00 19.41
N THR A 25 -31.01 0.61 20.50
CA THR A 25 -31.36 1.51 21.60
C THR A 25 -30.11 1.96 22.34
N GLU A 26 -29.28 0.99 22.72
CA GLU A 26 -28.01 1.26 23.36
C GLU A 26 -27.18 2.25 22.53
N LEU A 27 -27.07 2.04 21.23
CA LEU A 27 -26.30 2.91 20.37
C LEU A 27 -26.84 4.31 20.33
N LYS A 28 -28.14 4.50 20.11
CA LYS A 28 -28.70 5.83 20.01
C LYS A 28 -28.42 6.66 21.23
N LYS A 29 -28.47 5.99 22.37
CA LYS A 29 -28.17 6.62 23.63
C LYS A 29 -26.73 7.07 23.70
N ASN A 30 -25.79 6.24 23.24
CA ASN A 30 -24.40 6.60 23.38
C ASN A 30 -24.05 7.62 22.36
N PHE A 31 -24.80 7.73 21.27
CA PHE A 31 -24.62 8.74 20.24
C PHE A 31 -25.04 10.05 20.83
N ASN A 32 -26.24 10.16 21.36
CA ASN A 32 -26.63 11.37 22.06
C ASN A 32 -25.72 11.74 23.23
N ARG A 33 -25.14 10.79 23.99
CA ARG A 33 -24.18 11.12 25.03
C ARG A 33 -22.99 11.89 24.45
N HIS A 34 -22.24 11.27 23.51
CA HIS A 34 -21.05 11.90 22.96
C HIS A 34 -21.32 13.18 22.27
N LEU A 35 -22.49 13.46 21.72
CA LEU A 35 -22.75 14.73 21.06
C LEU A 35 -22.77 15.85 22.08
N HIS A 36 -23.26 15.50 23.27
CA HIS A 36 -23.41 16.39 24.41
C HIS A 36 -22.12 16.48 25.21
N PHE A 37 -21.73 15.40 25.88
CA PHE A 37 -20.55 15.38 26.70
C PHE A 37 -19.26 15.43 25.93
N THR A 38 -19.10 14.87 24.72
CA THR A 38 -17.80 14.82 24.02
C THR A 38 -17.66 16.00 23.10
N LEU A 39 -18.73 16.25 22.39
CA LEU A 39 -18.75 17.28 21.38
C LEU A 39 -19.17 18.61 21.90
N VAL A 40 -20.04 18.64 22.94
CA VAL A 40 -20.48 19.83 23.68
C VAL A 40 -21.18 20.69 22.62
N LYS A 41 -22.06 19.97 21.97
CA LYS A 41 -22.87 20.49 20.89
C LYS A 41 -24.26 20.00 21.29
N ASP A 42 -25.28 20.65 20.77
CA ASP A 42 -26.59 20.12 21.04
C ASP A 42 -27.24 20.00 19.69
N ARG A 43 -28.37 19.32 19.75
CA ARG A 43 -29.13 18.95 18.58
C ARG A 43 -29.42 20.09 17.62
N ASN A 44 -29.70 21.30 18.08
CA ASN A 44 -30.08 22.37 17.17
C ASN A 44 -28.88 23.08 16.51
N VAL A 45 -27.65 22.76 16.95
CA VAL A 45 -26.44 23.39 16.44
C VAL A 45 -25.36 22.44 15.94
N ALA A 46 -25.57 21.12 16.00
CA ALA A 46 -24.60 20.15 15.49
C ALA A 46 -24.62 20.06 13.96
N THR A 47 -23.49 19.95 13.27
CA THR A 47 -23.42 19.81 11.83
C THR A 47 -23.23 18.35 11.49
N PRO A 48 -23.28 17.91 10.21
CA PRO A 48 -22.97 16.52 9.83
C PRO A 48 -21.62 16.07 10.37
N ARG A 49 -20.64 16.96 10.57
CA ARG A 49 -19.34 16.57 11.11
C ARG A 49 -19.45 16.20 12.58
N ASP A 50 -20.28 16.89 13.36
CA ASP A 50 -20.45 16.55 14.78
C ASP A 50 -21.16 15.23 14.87
N TYR A 51 -22.13 15.06 13.98
CA TYR A 51 -22.86 13.82 13.91
C TYR A 51 -21.90 12.71 13.51
N TYR A 52 -20.99 12.94 12.58
CA TYR A 52 -19.97 11.96 12.28
C TYR A 52 -19.17 11.67 13.55
N PHE A 53 -18.61 12.61 14.33
CA PHE A 53 -17.77 12.26 15.49
C PHE A 53 -18.47 11.53 16.62
N ALA A 54 -19.74 11.86 16.88
CA ALA A 54 -20.57 11.21 17.88
C ALA A 54 -20.75 9.75 17.52
N LEU A 55 -20.99 9.39 16.25
CA LEU A 55 -20.98 7.98 15.81
C LEU A 55 -19.57 7.43 15.91
N ALA A 56 -18.50 8.04 15.37
CA ALA A 56 -17.12 7.59 15.51
C ALA A 56 -16.72 7.27 16.95
N HIS A 57 -17.12 8.07 17.94
CA HIS A 57 -16.83 7.72 19.32
C HIS A 57 -17.70 6.59 19.80
N THR A 58 -18.95 6.51 19.39
CA THR A 58 -19.83 5.44 19.86
C THR A 58 -19.36 4.10 19.30
N VAL A 59 -18.85 4.04 18.05
CA VAL A 59 -18.26 2.82 17.49
C VAL A 59 -16.93 2.59 18.19
N ARG A 60 -15.99 3.53 18.53
CA ARG A 60 -14.80 3.11 19.26
C ARG A 60 -15.11 2.67 20.65
N ASP A 61 -16.26 3.00 21.22
CA ASP A 61 -16.56 2.44 22.52
C ASP A 61 -16.73 0.96 22.49
N HIS A 62 -17.23 0.37 21.39
CA HIS A 62 -17.38 -1.09 21.34
C HIS A 62 -16.07 -1.88 21.13
N LEU A 63 -15.02 -1.17 20.82
CA LEU A 63 -13.73 -1.67 20.44
C LEU A 63 -12.74 -1.73 21.59
N VAL A 64 -12.83 -0.76 22.54
CA VAL A 64 -11.87 -0.67 23.65
C VAL A 64 -11.87 -1.91 24.54
N GLY A 65 -13.02 -2.50 24.93
CA GLY A 65 -13.04 -3.67 25.79
C GLY A 65 -12.28 -4.83 25.19
N ARG A 66 -12.46 -5.02 23.90
CA ARG A 66 -11.78 -6.08 23.17
C ARG A 66 -10.29 -5.80 23.08
N TRP A 67 -9.91 -4.53 22.86
CA TRP A 67 -8.53 -4.12 22.73
C TRP A 67 -7.74 -4.38 24.00
N ILE A 68 -8.37 -4.03 25.11
CA ILE A 68 -7.80 -4.13 26.45
C ILE A 68 -7.57 -5.60 26.75
N ARG A 69 -8.59 -6.42 26.53
CA ARG A 69 -8.43 -7.83 26.80
C ARG A 69 -7.58 -8.55 25.76
N THR A 70 -7.44 -8.11 24.49
CA THR A 70 -6.58 -8.75 23.55
C THR A 70 -5.16 -8.45 23.97
N GLN A 71 -4.83 -7.21 24.23
CA GLN A 71 -3.51 -6.92 24.79
C GLN A 71 -3.20 -7.58 26.14
N GLN A 72 -4.09 -7.75 27.13
CA GLN A 72 -3.67 -8.43 28.35
C GLN A 72 -3.58 -9.95 28.10
N HIS A 73 -4.44 -10.47 27.23
CA HIS A 73 -4.42 -11.85 26.81
C HIS A 73 -3.07 -12.24 26.26
N TYR A 74 -2.44 -11.45 25.40
CA TYR A 74 -1.12 -11.82 24.91
C TYR A 74 -0.12 -11.71 26.02
N TYR A 75 -0.27 -10.84 26.99
CA TYR A 75 0.68 -10.70 28.06
C TYR A 75 0.65 -11.96 28.91
N GLU A 76 -0.53 -12.51 29.06
CA GLU A 76 -0.67 -13.76 29.75
C GLU A 76 -0.24 -15.00 28.99
N LYS A 77 -0.56 -15.20 27.70
CA LYS A 77 -0.12 -16.44 27.05
C LYS A 77 1.25 -16.32 26.43
N ASP A 78 1.66 -15.09 26.21
CA ASP A 78 2.95 -14.71 25.67
C ASP A 78 3.40 -15.51 24.43
N PRO A 79 2.72 -15.23 23.32
CA PRO A 79 3.07 -15.63 21.99
C PRO A 79 4.41 -15.08 21.57
N LYS A 80 4.81 -15.62 20.41
CA LYS A 80 5.83 -15.02 19.61
C LYS A 80 5.03 -13.84 19.03
N ARG A 81 5.60 -12.63 18.96
CA ARG A 81 4.92 -11.46 18.48
C ARG A 81 5.69 -11.04 17.23
N ILE A 82 4.84 -10.63 16.28
CA ILE A 82 5.24 -10.19 14.96
C ILE A 82 5.34 -8.68 15.00
N TYR A 83 6.40 -8.07 14.55
CA TYR A 83 6.39 -6.64 14.47
C TYR A 83 6.46 -6.25 13.02
N TYR A 84 5.46 -5.68 12.37
CA TYR A 84 5.54 -5.25 10.99
C TYR A 84 5.97 -3.79 10.98
N LEU A 85 7.24 -3.57 10.70
CA LEU A 85 7.78 -2.27 10.67
C LEU A 85 7.62 -1.74 9.26
N SER A 86 7.05 -0.59 9.00
CA SER A 86 6.95 -0.11 7.64
C SER A 86 6.93 1.39 7.79
N LEU A 87 7.50 2.07 6.81
CA LEU A 87 7.40 3.51 6.87
C LEU A 87 6.07 4.03 6.32
N GLU A 88 5.21 3.16 5.76
CA GLU A 88 3.93 3.57 5.19
C GLU A 88 2.86 2.67 5.68
N PHE A 89 1.66 3.17 5.98
CA PHE A 89 0.53 2.31 6.32
C PHE A 89 -0.67 3.01 5.71
N TYR A 90 -1.25 2.58 4.59
CA TYR A 90 -2.30 3.34 3.88
C TYR A 90 -3.66 2.87 4.30
N MET A 91 -4.11 3.37 5.45
CA MET A 91 -5.34 2.93 6.07
C MET A 91 -6.65 3.36 5.44
N GLY A 92 -6.74 4.54 4.83
CA GLY A 92 -8.04 5.02 4.35
C GLY A 92 -8.98 5.42 5.49
N ARG A 93 -10.28 5.43 5.32
CA ARG A 93 -11.15 5.71 6.45
C ARG A 93 -11.33 4.49 7.39
N THR A 94 -11.66 4.65 8.68
CA THR A 94 -11.77 3.59 9.68
C THR A 94 -13.18 3.35 10.21
N LEU A 95 -14.23 4.09 9.92
CA LEU A 95 -15.52 3.80 10.55
C LEU A 95 -16.29 2.55 10.11
N GLN A 96 -16.50 2.48 8.79
CA GLN A 96 -17.28 1.42 8.17
C GLN A 96 -16.52 0.14 8.40
N ASN A 97 -15.26 0.05 8.05
CA ASN A 97 -14.47 -1.12 8.38
C ASN A 97 -14.52 -1.57 9.83
N THR A 98 -14.47 -0.67 10.82
CA THR A 98 -14.64 -1.07 12.21
C THR A 98 -16.06 -1.61 12.43
N MET A 99 -17.09 -1.04 11.83
CA MET A 99 -18.45 -1.57 11.89
C MET A 99 -18.56 -2.96 11.29
N VAL A 100 -17.94 -3.20 10.13
CA VAL A 100 -17.96 -4.47 9.42
C VAL A 100 -17.37 -5.46 10.40
N ASN A 101 -16.14 -5.23 10.83
CA ASN A 101 -15.48 -6.23 11.64
C ASN A 101 -16.07 -6.48 12.99
N LEU A 102 -16.87 -5.54 13.43
CA LEU A 102 -17.50 -5.66 14.72
C LEU A 102 -18.94 -6.12 14.63
N ALA A 103 -19.55 -6.25 13.46
CA ALA A 103 -20.92 -6.71 13.22
C ALA A 103 -21.99 -5.68 13.51
N LEU A 104 -21.52 -4.42 13.52
CA LEU A 104 -22.31 -3.25 13.90
C LEU A 104 -22.86 -2.43 12.76
N GLU A 105 -22.56 -2.77 11.49
CA GLU A 105 -23.03 -2.01 10.32
C GLU A 105 -24.52 -1.65 10.27
N ASN A 106 -25.31 -2.71 10.42
CA ASN A 106 -26.76 -2.59 10.43
C ASN A 106 -27.41 -2.01 11.69
N ALA A 107 -26.93 -2.31 12.91
CA ALA A 107 -27.49 -1.74 14.11
C ALA A 107 -27.21 -0.24 14.03
N CYS A 108 -25.98 0.25 13.72
CA CYS A 108 -25.73 1.68 13.62
C CYS A 108 -26.48 2.31 12.47
N ASP A 109 -26.72 1.60 11.37
CA ASP A 109 -27.52 2.06 10.23
C ASP A 109 -28.93 2.34 10.70
N GLU A 110 -29.52 1.36 11.39
CA GLU A 110 -30.84 1.50 11.96
C GLU A 110 -30.88 2.67 12.91
N ALA A 111 -30.09 2.61 13.99
CA ALA A 111 -30.00 3.66 15.00
C ALA A 111 -29.86 5.07 14.46
N THR A 112 -29.07 5.25 13.41
CA THR A 112 -28.84 6.53 12.74
C THR A 112 -30.07 6.97 11.97
N TYR A 113 -30.72 6.02 11.30
CA TYR A 113 -31.94 6.25 10.57
C TYR A 113 -32.96 6.68 11.62
N GLN A 114 -33.19 5.87 12.65
CA GLN A 114 -34.00 6.16 13.83
C GLN A 114 -33.68 7.39 14.66
N LEU A 115 -32.86 8.30 14.18
CA LEU A 115 -32.34 9.46 14.87
C LEU A 115 -32.29 10.53 13.77
N GLY A 116 -32.67 10.16 12.54
CA GLY A 116 -32.94 11.08 11.49
C GLY A 116 -31.80 11.29 10.55
N LEU A 117 -30.66 10.62 10.67
CA LEU A 117 -29.51 10.94 9.83
C LEU A 117 -29.29 9.82 8.82
N ASP A 118 -28.37 9.99 7.85
CA ASP A 118 -28.01 8.90 6.94
C ASP A 118 -26.60 8.51 7.28
N MET A 119 -26.37 7.22 7.48
CA MET A 119 -25.01 6.81 7.73
C MET A 119 -24.11 7.21 6.62
N GLU A 120 -24.43 6.94 5.35
CA GLU A 120 -23.48 7.21 4.27
C GLU A 120 -23.01 8.65 4.28
N GLU A 121 -23.84 9.68 4.59
CA GLU A 121 -23.41 11.11 4.70
C GLU A 121 -22.27 11.33 5.68
N LEU A 122 -22.44 10.69 6.84
CA LEU A 122 -21.52 10.78 7.97
C LEU A 122 -20.21 10.10 7.62
N GLU A 123 -20.30 8.85 7.11
CA GLU A 123 -19.15 8.07 6.65
C GLU A 123 -18.39 8.88 5.63
N GLU A 124 -18.98 9.60 4.66
CA GLU A 124 -18.20 10.45 3.76
C GLU A 124 -17.51 11.66 4.39
N ILE A 125 -17.82 12.00 5.63
CA ILE A 125 -17.18 13.11 6.32
C ILE A 125 -15.84 12.72 6.86
N GLU A 126 -15.62 11.44 7.13
CA GLU A 126 -14.34 11.02 7.67
C GLU A 126 -13.20 11.25 6.65
N GLU A 127 -12.06 11.83 7.07
CA GLU A 127 -10.93 12.11 6.21
C GLU A 127 -10.13 10.81 6.12
N ASP A 128 -9.50 10.49 5.01
CA ASP A 128 -8.72 9.27 4.85
C ASP A 128 -7.42 9.38 5.60
N ALA A 129 -6.95 8.40 6.38
CA ALA A 129 -5.59 8.47 6.89
C ALA A 129 -4.70 8.08 5.70
N GLY A 130 -4.09 9.07 5.04
CA GLY A 130 -3.29 8.90 3.83
C GLY A 130 -1.80 8.70 4.09
N LEU A 131 -1.43 7.87 5.03
CA LEU A 131 -0.06 7.68 5.38
C LEU A 131 0.64 6.68 4.48
N GLY A 132 0.43 6.75 3.18
CA GLY A 132 1.07 5.80 2.29
C GLY A 132 1.04 6.42 0.91
N ASN A 133 1.85 5.95 -0.03
CA ASN A 133 1.93 6.46 -1.40
C ASN A 133 1.13 5.60 -2.30
N GLY A 134 1.26 4.28 -2.19
CA GLY A 134 0.54 3.39 -3.06
C GLY A 134 0.49 1.98 -2.54
N GLY A 135 1.12 1.10 -3.30
CA GLY A 135 0.99 -0.33 -3.12
C GLY A 135 1.56 -0.95 -1.86
N LEU A 136 2.82 -0.69 -1.58
CA LEU A 136 3.52 -1.10 -0.37
C LEU A 136 2.70 -0.59 0.85
N GLY A 137 2.17 0.65 0.86
CA GLY A 137 1.53 1.20 2.03
C GLY A 137 0.18 0.58 2.22
N ARG A 138 -0.56 0.36 1.12
CA ARG A 138 -1.85 -0.32 1.20
C ARG A 138 -1.58 -1.75 1.61
N LEU A 139 -0.53 -2.44 1.14
CA LEU A 139 -0.22 -3.81 1.51
C LEU A 139 -0.08 -3.91 3.04
N ALA A 140 0.66 -3.02 3.67
CA ALA A 140 0.79 -2.95 5.09
C ALA A 140 -0.57 -2.89 5.79
N ALA A 141 -1.50 -2.11 5.27
CA ALA A 141 -2.83 -1.95 5.81
C ALA A 141 -3.75 -3.16 5.68
N CYS A 142 -3.62 -3.89 4.57
CA CYS A 142 -4.34 -5.14 4.30
C CYS A 142 -3.68 -6.18 5.20
N PHE A 143 -2.37 -6.21 5.40
CA PHE A 143 -1.76 -7.14 6.33
C PHE A 143 -2.20 -7.02 7.76
N LEU A 144 -2.26 -5.82 8.33
CA LEU A 144 -2.78 -5.61 9.67
C LEU A 144 -4.17 -6.23 9.81
N ASP A 145 -5.11 -5.97 8.90
CA ASP A 145 -6.44 -6.59 8.91
C ASP A 145 -6.31 -8.11 8.96
N SER A 146 -5.51 -8.71 8.04
CA SER A 146 -5.38 -10.17 8.04
C SER A 146 -4.63 -10.68 9.26
N MET A 147 -3.63 -9.97 9.80
CA MET A 147 -2.96 -10.48 10.99
C MET A 147 -3.90 -10.49 12.18
N ALA A 148 -4.87 -9.58 12.31
CA ALA A 148 -5.83 -9.58 13.41
C ALA A 148 -6.88 -10.64 13.20
N THR A 149 -7.43 -10.74 11.98
CA THR A 149 -8.37 -11.80 11.58
C THR A 149 -7.83 -13.23 11.74
N LEU A 150 -6.54 -13.40 11.59
CA LEU A 150 -5.93 -14.69 11.81
C LEU A 150 -5.35 -14.80 13.20
N GLY A 151 -5.72 -13.89 14.10
CA GLY A 151 -5.43 -13.97 15.53
C GLY A 151 -3.96 -14.00 15.87
N LEU A 152 -3.13 -13.24 15.17
CA LEU A 152 -1.71 -13.28 15.39
C LEU A 152 -1.35 -12.18 16.38
N ALA A 153 -0.36 -12.29 17.30
CA ALA A 153 -0.04 -11.19 18.16
C ALA A 153 0.91 -10.33 17.39
N ALA A 154 0.37 -9.40 16.61
CA ALA A 154 1.15 -8.65 15.63
C ALA A 154 0.94 -7.16 15.81
N TYR A 155 1.96 -6.35 15.50
CA TYR A 155 1.88 -4.93 15.74
C TYR A 155 2.41 -4.22 14.55
N GLY A 156 1.67 -3.26 13.99
CA GLY A 156 2.21 -2.46 12.91
C GLY A 156 2.87 -1.27 13.58
N TYR A 157 4.07 -0.85 13.18
CA TYR A 157 4.82 0.27 13.74
C TYR A 157 5.25 1.23 12.63
N GLY A 158 5.14 2.54 12.81
CA GLY A 158 5.51 3.49 11.77
C GLY A 158 5.58 4.87 12.31
N ILE A 159 5.38 5.86 11.44
CA ILE A 159 5.48 7.21 11.87
C ILE A 159 4.09 7.81 11.80
N ARG A 160 3.71 8.63 12.79
CA ARG A 160 2.42 9.27 12.75
C ARG A 160 2.67 10.54 12.00
N TYR A 161 2.49 10.53 10.67
CA TYR A 161 2.77 11.74 9.95
C TYR A 161 1.61 12.69 10.07
N GLU A 162 2.02 13.91 10.34
CA GLU A 162 1.08 15.00 10.39
C GLU A 162 0.47 15.29 9.03
N PHE A 163 1.27 15.30 7.96
CA PHE A 163 0.79 15.51 6.60
C PHE A 163 1.15 14.24 5.80
N GLY A 164 0.11 13.46 5.47
CA GLY A 164 0.24 12.26 4.66
C GLY A 164 0.50 12.66 3.21
N ILE A 165 -0.06 11.93 2.28
CA ILE A 165 0.30 12.21 0.91
C ILE A 165 -0.48 13.42 0.49
N PHE A 166 0.12 14.35 -0.23
CA PHE A 166 -0.56 15.54 -0.73
C PHE A 166 -1.93 15.34 -1.41
N ASN A 167 -2.87 16.27 -1.31
CA ASN A 167 -4.12 16.14 -2.01
C ASN A 167 -3.80 16.70 -3.36
N GLN A 168 -4.17 16.00 -4.43
CA GLN A 168 -3.90 16.45 -5.78
C GLN A 168 -5.03 17.32 -6.29
N LYS A 169 -4.74 18.42 -6.95
CA LYS A 169 -5.80 19.17 -7.62
C LYS A 169 -5.35 19.38 -9.04
N ILE A 170 -6.23 19.28 -10.00
CA ILE A 170 -5.81 19.54 -11.36
C ILE A 170 -6.14 21.01 -11.62
N CYS A 171 -5.25 21.95 -11.92
CA CYS A 171 -5.64 23.31 -12.24
C CYS A 171 -5.16 23.51 -13.65
N GLY A 172 -6.12 23.76 -14.53
CA GLY A 172 -5.85 23.95 -15.96
C GLY A 172 -5.22 22.70 -16.59
N GLY A 173 -5.73 21.56 -16.14
CA GLY A 173 -5.17 20.31 -16.61
C GLY A 173 -3.87 20.00 -15.90
N TRP A 174 -3.26 20.81 -15.01
CA TRP A 174 -2.00 20.48 -14.36
C TRP A 174 -2.18 20.02 -12.92
N GLN A 175 -1.42 19.06 -12.41
CA GLN A 175 -1.46 18.66 -11.00
C GLN A 175 -0.95 19.85 -10.22
N MET A 176 -1.63 20.07 -9.10
CA MET A 176 -1.35 21.14 -8.16
C MET A 176 -1.31 20.40 -6.85
N GLU A 177 -0.22 20.37 -6.07
CA GLU A 177 -0.31 19.65 -4.82
C GLU A 177 -0.50 20.55 -3.62
N GLU A 178 -1.21 19.97 -2.64
CA GLU A 178 -1.63 20.64 -1.42
C GLU A 178 -1.48 19.75 -0.18
N ALA A 179 -1.20 20.30 1.00
CA ALA A 179 -1.01 19.55 2.23
C ALA A 179 -2.22 18.76 2.73
N ASP A 180 -2.02 17.55 3.24
CA ASP A 180 -3.12 16.71 3.70
C ASP A 180 -3.15 16.94 5.17
N ASP A 181 -3.86 17.95 5.57
CA ASP A 181 -3.84 18.24 6.99
C ASP A 181 -4.95 17.36 7.52
N TRP A 182 -4.76 16.03 7.60
CA TRP A 182 -5.82 15.12 8.03
C TRP A 182 -6.29 15.13 9.49
N LEU A 183 -5.46 15.67 10.36
CA LEU A 183 -5.82 15.82 11.76
C LEU A 183 -6.40 17.20 12.08
N ARG A 184 -6.69 18.14 11.13
CA ARG A 184 -7.35 19.42 11.37
C ARG A 184 -8.47 19.30 12.38
N TYR A 185 -9.28 18.26 12.20
CA TYR A 185 -10.47 18.04 13.00
C TYR A 185 -10.35 17.02 14.10
N GLY A 186 -9.19 16.43 14.28
CA GLY A 186 -9.05 15.41 15.28
C GLY A 186 -9.16 14.05 14.66
N ASN A 187 -8.74 13.07 15.47
CA ASN A 187 -8.77 11.71 15.06
C ASN A 187 -9.48 10.90 16.14
N PRO A 188 -10.70 10.40 16.06
CA PRO A 188 -11.35 9.67 17.14
C PRO A 188 -10.77 8.28 17.37
N TRP A 189 -9.76 7.83 16.62
CA TRP A 189 -9.38 6.43 16.64
C TRP A 189 -8.08 6.32 17.37
N GLU A 190 -7.09 7.21 17.29
CA GLU A 190 -5.85 7.02 18.02
C GLU A 190 -5.98 7.29 19.51
N LYS A 191 -5.03 6.71 20.25
CA LYS A 191 -4.90 7.03 21.63
C LYS A 191 -3.44 7.38 21.87
N ALA A 192 -3.11 8.69 22.03
CA ALA A 192 -1.80 9.20 22.42
C ALA A 192 -1.41 8.48 23.69
N ARG A 193 -0.12 8.20 23.85
CA ARG A 193 0.33 7.48 25.02
C ARG A 193 1.58 8.20 25.48
N PRO A 194 1.58 9.49 25.84
CA PRO A 194 2.80 10.28 26.09
C PRO A 194 3.61 9.77 27.28
N GLU A 195 2.99 8.97 28.10
CA GLU A 195 3.69 8.32 29.20
C GLU A 195 4.68 7.29 28.70
N PHE A 196 4.60 6.83 27.46
CA PHE A 196 5.52 5.86 26.90
C PHE A 196 6.54 6.48 25.94
N THR A 197 6.85 7.77 26.04
CA THR A 197 7.80 8.39 25.14
C THR A 197 9.21 7.85 25.37
N LEU A 198 10.09 7.86 24.38
CA LEU A 198 11.35 7.15 24.41
C LEU A 198 12.36 8.10 23.85
N PRO A 199 13.66 8.11 24.10
CA PRO A 199 14.57 8.96 23.34
C PRO A 199 15.12 8.21 22.16
N VAL A 200 15.51 8.92 21.11
CA VAL A 200 16.10 8.37 19.94
C VAL A 200 17.26 9.30 19.81
N HIS A 201 18.46 8.78 19.68
CA HIS A 201 19.67 9.58 19.55
C HIS A 201 20.19 9.81 18.16
N PHE A 202 20.72 11.00 17.89
CA PHE A 202 21.28 11.33 16.60
C PHE A 202 22.67 11.94 16.79
N TYR A 203 23.51 11.97 15.73
CA TYR A 203 24.83 12.61 15.67
C TYR A 203 25.70 11.96 16.70
N GLY A 204 26.65 12.62 17.36
CA GLY A 204 27.40 11.95 18.40
C GLY A 204 28.77 11.51 17.98
N ARG A 205 29.38 10.60 18.73
CA ARG A 205 30.72 10.15 18.46
C ARG A 205 30.76 8.75 19.02
N VAL A 206 31.80 8.01 18.67
CA VAL A 206 32.03 6.74 19.32
C VAL A 206 33.32 6.90 20.15
N GLU A 207 33.34 6.61 21.46
CA GLU A 207 34.59 6.62 22.20
C GLU A 207 34.71 5.15 22.45
N HIS A 208 35.94 4.69 22.30
CA HIS A 208 36.26 3.29 22.54
C HIS A 208 36.97 3.22 23.86
N THR A 209 36.32 2.75 24.91
CA THR A 209 37.07 2.62 26.11
C THR A 209 36.64 1.42 26.91
N SER A 210 37.79 0.84 27.29
CA SER A 210 37.96 -0.23 28.24
C SER A 210 37.09 -1.44 27.92
N GLN A 211 35.77 -1.35 27.85
CA GLN A 211 34.98 -2.43 27.37
C GLN A 211 33.92 -1.81 26.48
N GLY A 212 34.32 -1.80 25.21
CA GLY A 212 33.45 -1.37 24.15
C GLY A 212 33.37 0.10 23.82
N ALA A 213 32.52 0.24 22.79
CA ALA A 213 32.20 1.51 22.20
C ALA A 213 31.01 2.05 22.94
N LYS A 214 30.93 3.37 22.97
CA LYS A 214 29.78 4.06 23.49
C LYS A 214 29.53 5.19 22.53
N TRP A 215 28.25 5.45 22.32
CA TRP A 215 27.89 6.47 21.35
C TRP A 215 27.63 7.64 22.30
N VAL A 216 28.40 8.71 22.12
CA VAL A 216 28.46 9.79 23.09
C VAL A 216 28.16 11.11 22.36
N ASP A 217 27.86 12.19 23.09
CA ASP A 217 27.46 13.50 22.55
C ASP A 217 26.45 13.49 21.40
N THR A 218 25.38 12.75 21.64
CA THR A 218 24.32 12.66 20.67
C THR A 218 23.32 13.76 20.99
N GLN A 219 22.47 14.13 20.03
CA GLN A 219 21.37 15.05 20.23
C GLN A 219 20.19 14.12 20.49
N VAL A 220 19.19 14.47 21.29
CA VAL A 220 18.08 13.61 21.60
C VAL A 220 16.76 14.15 21.04
N VAL A 221 16.03 13.25 20.40
CA VAL A 221 14.68 13.52 19.96
C VAL A 221 13.80 12.52 20.74
N LEU A 222 12.58 12.84 21.15
CA LEU A 222 11.75 11.94 21.90
C LEU A 222 10.68 11.37 20.96
N ALA A 223 10.27 10.12 21.19
CA ALA A 223 9.31 9.47 20.32
C ALA A 223 8.03 9.30 21.10
N MET A 224 6.92 9.95 20.73
CA MET A 224 5.69 9.88 21.49
C MET A 224 4.81 8.88 20.76
N PRO A 225 4.30 7.75 21.28
CA PRO A 225 3.42 6.89 20.52
C PRO A 225 1.93 7.14 20.63
N TYR A 226 1.30 6.86 19.49
CA TYR A 226 -0.13 6.90 19.37
C TYR A 226 -0.56 5.55 18.82
N ASP A 227 -1.37 4.78 19.56
CA ASP A 227 -1.95 3.49 19.20
C ASP A 227 -3.34 3.57 18.53
N THR A 228 -3.54 2.98 17.34
CA THR A 228 -4.83 2.87 16.67
C THR A 228 -5.25 1.43 16.84
N PRO A 229 -6.47 1.10 17.22
CA PRO A 229 -6.92 -0.28 17.39
C PRO A 229 -7.07 -0.95 16.04
N VAL A 230 -6.83 -2.24 15.81
CA VAL A 230 -7.04 -2.88 14.51
C VAL A 230 -7.89 -4.13 14.73
N PRO A 231 -9.21 -4.09 14.53
CA PRO A 231 -10.07 -5.19 14.90
C PRO A 231 -10.05 -6.29 13.86
N GLY A 232 -9.89 -7.55 14.23
CA GLY A 232 -10.09 -8.58 13.23
C GLY A 232 -11.57 -8.76 12.82
N TYR A 233 -11.86 -9.42 11.70
CA TYR A 233 -13.20 -9.75 11.29
C TYR A 233 -13.83 -10.76 12.26
N ARG A 234 -14.81 -10.25 12.98
CA ARG A 234 -15.58 -11.00 13.98
C ARG A 234 -14.91 -12.07 14.86
N ASN A 235 -13.70 -11.81 15.35
CA ASN A 235 -13.06 -12.73 16.29
C ASN A 235 -12.62 -12.09 17.62
N ASN A 236 -13.05 -10.86 17.95
CA ASN A 236 -12.75 -10.21 19.23
C ASN A 236 -11.30 -9.97 19.64
N VAL A 237 -10.49 -10.01 18.59
CA VAL A 237 -9.08 -9.66 18.64
C VAL A 237 -9.10 -8.24 18.05
N VAL A 238 -8.40 -7.35 18.78
CA VAL A 238 -8.15 -5.97 18.39
C VAL A 238 -6.69 -5.81 18.77
N ASN A 239 -5.86 -5.72 17.71
CA ASN A 239 -4.40 -5.58 17.73
C ASN A 239 -4.04 -4.11 17.66
N THR A 240 -2.79 -3.75 17.53
CA THR A 240 -2.40 -2.36 17.73
C THR A 240 -1.50 -1.86 16.66
N MET A 241 -1.81 -0.71 16.06
CA MET A 241 -0.86 -0.07 15.18
C MET A 241 -0.23 1.05 16.02
N ARG A 242 1.08 1.12 16.29
CA ARG A 242 1.69 2.12 17.13
C ARG A 242 2.54 2.94 16.23
N LEU A 243 2.16 4.21 16.11
CA LEU A 243 2.80 5.18 15.23
C LEU A 243 3.52 6.22 16.06
N TRP A 244 4.81 6.48 15.83
CA TRP A 244 5.60 7.40 16.62
C TRP A 244 5.52 8.84 16.15
N SER A 245 5.48 9.83 17.05
CA SER A 245 5.51 11.24 16.69
C SER A 245 6.80 11.82 17.28
N ALA A 246 7.55 12.71 16.62
CA ALA A 246 8.77 13.27 17.17
C ALA A 246 8.38 14.44 18.07
N LYS A 247 9.07 14.56 19.20
CA LYS A 247 8.80 15.58 20.20
C LYS A 247 10.18 16.09 20.62
N ALA A 248 10.48 17.39 20.73
CA ALA A 248 11.80 17.89 21.14
C ALA A 248 12.00 17.70 22.62
N PRO A 249 13.14 17.37 23.23
CA PRO A 249 13.27 17.28 24.69
C PRO A 249 13.12 18.65 25.34
N ASN A 250 13.11 18.76 26.65
CA ASN A 250 12.93 20.11 27.21
C ASN A 250 14.11 20.93 27.65
N ASP A 251 15.13 20.15 27.98
CA ASP A 251 16.36 20.66 28.49
C ASP A 251 17.21 20.90 27.31
N PHE A 252 17.61 19.96 26.45
CA PHE A 252 18.56 20.24 25.38
C PHE A 252 17.94 21.15 24.35
N ASN A 253 16.61 21.02 24.18
CA ASN A 253 15.90 21.89 23.28
C ASN A 253 15.18 22.95 24.10
N LEU A 254 16.20 23.65 24.62
CA LEU A 254 16.27 24.82 25.47
C LEU A 254 17.71 24.84 26.02
N LYS A 255 18.08 24.42 27.23
CA LYS A 255 19.43 24.59 27.76
C LYS A 255 20.72 23.94 27.24
N ASP A 256 21.26 24.90 26.54
CA ASP A 256 22.64 25.06 26.24
C ASP A 256 22.52 26.55 25.93
N PHE A 257 23.33 27.19 26.75
CA PHE A 257 23.17 28.58 27.11
C PHE A 257 24.11 29.59 26.45
N ASN A 258 24.78 30.46 27.22
CA ASN A 258 25.74 31.46 26.79
C ASN A 258 25.42 32.12 25.43
N VAL A 259 24.21 32.72 25.58
CA VAL A 259 23.39 33.47 24.62
C VAL A 259 23.18 32.98 23.18
N GLY A 260 21.87 32.89 22.93
CA GLY A 260 21.34 32.50 21.64
C GLY A 260 19.80 32.48 21.65
N GLY A 261 19.17 33.50 22.27
CA GLY A 261 17.71 33.71 22.32
C GLY A 261 16.78 32.63 22.92
N TYR A 262 16.07 33.02 24.02
CA TYR A 262 15.05 32.21 24.74
C TYR A 262 13.89 31.81 23.81
N ILE A 263 13.24 32.83 23.24
CA ILE A 263 12.17 32.66 22.29
C ILE A 263 12.76 31.83 21.17
N GLN A 264 13.96 32.05 20.63
CA GLN A 264 14.49 31.24 19.54
C GLN A 264 14.63 29.82 19.92
N ALA A 265 15.33 29.46 20.97
CA ALA A 265 15.35 28.09 21.48
C ALA A 265 14.01 27.38 21.56
N VAL A 266 12.90 28.11 21.83
CA VAL A 266 11.59 27.48 21.89
C VAL A 266 11.09 27.33 20.46
N LEU A 267 11.22 28.34 19.61
CA LEU A 267 10.73 28.24 18.25
C LEU A 267 11.50 27.17 17.51
N ASP A 268 12.76 26.90 17.80
CA ASP A 268 13.57 25.91 17.14
C ASP A 268 13.26 24.47 17.55
N ARG A 269 12.35 24.22 18.46
CA ARG A 269 11.98 22.86 18.81
C ARG A 269 11.36 22.24 17.58
N ASN A 270 10.58 22.97 16.77
CA ASN A 270 9.98 22.36 15.60
C ASN A 270 11.00 22.58 14.52
N LEU A 271 11.80 21.56 14.64
CA LEU A 271 12.99 21.39 13.86
C LEU A 271 13.28 19.97 14.24
N ALA A 272 13.20 19.61 15.53
CA ALA A 272 13.29 18.21 15.97
C ALA A 272 11.92 17.56 15.76
N GLU A 273 10.81 18.25 15.92
CA GLU A 273 9.49 17.68 15.77
C GLU A 273 9.13 17.54 14.30
N ASN A 274 10.04 17.94 13.40
CA ASN A 274 9.87 17.89 11.95
C ASN A 274 10.10 16.48 11.39
N ILE A 275 10.73 15.58 12.15
CA ILE A 275 10.95 14.22 11.74
C ILE A 275 9.61 13.55 11.45
N SER A 276 8.47 13.81 12.10
CA SER A 276 7.23 13.21 11.64
C SER A 276 6.31 14.21 10.97
N ARG A 277 6.81 15.26 10.35
CA ARG A 277 5.89 16.25 9.87
C ARG A 277 5.19 15.76 8.62
N VAL A 278 5.93 15.09 7.69
CA VAL A 278 5.38 14.79 6.37
C VAL A 278 5.82 13.45 5.77
N LEU A 279 4.93 12.76 5.05
CA LEU A 279 5.26 11.49 4.40
C LEU A 279 6.11 11.82 3.19
N TYR A 280 7.26 11.17 2.93
CA TYR A 280 7.95 11.41 1.64
C TYR A 280 7.18 10.86 0.43
N PRO A 281 6.85 11.76 -0.51
CA PRO A 281 5.86 11.57 -1.59
C PRO A 281 6.25 10.78 -2.84
N ASN A 282 7.27 9.96 -2.76
CA ASN A 282 7.88 9.27 -3.90
C ASN A 282 7.48 7.82 -4.31
N ASP A 283 6.67 7.54 -5.34
CA ASP A 283 6.40 6.15 -5.76
C ASP A 283 7.69 5.78 -6.51
N ASN A 284 8.23 4.57 -6.32
CA ASN A 284 9.38 4.02 -7.05
C ASN A 284 10.43 4.93 -7.67
N PHE A 285 11.16 5.48 -6.70
CA PHE A 285 12.35 6.32 -6.83
C PHE A 285 13.02 6.22 -5.46
N PHE A 286 14.14 6.94 -5.28
CA PHE A 286 14.83 7.03 -4.01
C PHE A 286 15.44 8.43 -3.86
N GLU A 287 15.02 9.14 -2.79
CA GLU A 287 15.56 10.41 -2.36
C GLU A 287 16.64 10.24 -1.27
N GLY A 288 17.92 10.52 -1.54
CA GLY A 288 18.97 10.42 -0.53
C GLY A 288 19.01 11.64 0.41
N LYS A 289 17.91 12.00 1.05
CA LYS A 289 17.77 13.22 1.85
C LYS A 289 17.91 12.90 3.34
N GLU A 290 18.51 13.77 4.14
CA GLU A 290 18.81 13.53 5.55
C GLU A 290 17.56 13.41 6.36
N LEU A 291 16.55 14.21 6.12
CA LEU A 291 15.26 14.10 6.77
C LEU A 291 14.69 12.69 6.71
N ARG A 292 14.83 12.05 5.55
CA ARG A 292 14.41 10.67 5.28
C ARG A 292 15.20 9.69 6.08
N LEU A 293 16.53 9.65 6.08
CA LEU A 293 17.24 8.69 6.91
C LEU A 293 16.91 8.89 8.39
N LYS A 294 16.55 10.11 8.79
CA LYS A 294 16.19 10.43 10.17
C LYS A 294 14.84 9.86 10.40
N GLN A 295 13.89 9.94 9.50
CA GLN A 295 12.65 9.25 9.73
C GLN A 295 12.87 7.76 9.83
N GLU A 296 13.74 7.18 8.96
CA GLU A 296 14.03 5.73 9.00
C GLU A 296 14.71 5.31 10.30
N TYR A 297 15.66 6.06 10.83
CA TYR A 297 16.24 5.70 12.10
C TYR A 297 15.28 5.92 13.24
N PHE A 298 14.52 6.99 13.24
CA PHE A 298 13.57 7.25 14.29
C PHE A 298 12.56 6.14 14.56
N VAL A 299 11.86 5.56 13.56
CA VAL A 299 10.95 4.43 13.78
C VAL A 299 11.66 3.12 14.20
N VAL A 300 12.81 2.77 13.63
CA VAL A 300 13.66 1.65 14.08
C VAL A 300 14.06 1.75 15.54
N ALA A 301 14.80 2.81 15.91
CA ALA A 301 15.10 3.13 17.30
C ALA A 301 13.97 3.03 18.32
N ALA A 302 12.86 3.75 18.12
CA ALA A 302 11.85 3.70 19.15
C ALA A 302 11.20 2.35 19.15
N THR A 303 10.80 1.78 17.99
CA THR A 303 10.26 0.42 17.92
C THR A 303 11.10 -0.65 18.60
N LEU A 304 12.42 -0.67 18.38
CA LEU A 304 13.22 -1.73 18.95
C LEU A 304 13.29 -1.65 20.48
N GLN A 305 13.06 -0.45 21.05
CA GLN A 305 13.07 -0.30 22.50
C GLN A 305 11.81 -0.89 23.12
N ASP A 306 10.67 -0.85 22.37
CA ASP A 306 9.36 -1.39 22.73
C ASP A 306 9.31 -2.88 22.59
N ILE A 307 10.10 -3.34 21.63
CA ILE A 307 10.24 -4.75 21.38
C ILE A 307 11.01 -5.38 22.52
N ILE A 308 12.16 -4.78 22.85
CA ILE A 308 13.01 -5.34 23.89
C ILE A 308 12.32 -5.31 25.25
N ARG A 309 11.61 -4.20 25.50
CA ARG A 309 10.81 -4.01 26.70
C ARG A 309 9.82 -5.14 26.86
N ARG A 310 8.91 -5.38 25.91
CA ARG A 310 8.00 -6.51 25.95
C ARG A 310 8.74 -7.85 26.04
N PHE A 311 9.86 -8.07 25.33
CA PHE A 311 10.61 -9.27 25.54
C PHE A 311 11.12 -9.37 26.98
N LYS A 312 11.65 -8.31 27.61
CA LYS A 312 12.22 -8.43 28.95
C LYS A 312 11.17 -8.79 29.95
N SER A 313 9.91 -8.43 29.78
CA SER A 313 8.89 -8.97 30.66
C SER A 313 8.62 -10.42 30.21
N SER A 314 8.13 -10.67 28.97
CA SER A 314 7.66 -11.98 28.46
C SER A 314 7.09 -12.80 29.63
N LYS A 315 7.97 -13.62 30.21
CA LYS A 315 7.80 -14.18 31.53
C LYS A 315 9.23 -14.43 32.03
N PHE A 316 10.27 -14.06 31.24
CA PHE A 316 11.68 -14.17 31.63
C PHE A 316 11.95 -13.23 32.81
N GLY A 317 11.24 -12.08 32.78
CA GLY A 317 11.16 -11.14 33.89
C GLY A 317 10.12 -11.76 34.83
N CYS A 318 10.68 -12.81 35.45
CA CYS A 318 10.16 -13.77 36.40
C CYS A 318 11.25 -14.85 36.28
N ARG A 319 11.26 -15.72 35.27
CA ARG A 319 12.26 -16.78 35.08
C ARG A 319 12.24 -17.36 33.68
N ASP A 320 11.66 -18.56 33.42
CA ASP A 320 11.52 -19.28 32.17
C ASP A 320 12.87 -19.95 32.05
N PRO A 321 14.04 -19.40 31.72
CA PRO A 321 15.24 -19.69 32.51
C PRO A 321 15.67 -18.58 33.52
N VAL A 322 16.46 -17.60 33.03
CA VAL A 322 16.99 -16.35 33.58
C VAL A 322 18.51 -16.52 33.62
N ARG A 323 19.13 -15.33 33.47
CA ARG A 323 20.54 -14.98 33.31
C ARG A 323 20.48 -14.64 31.83
N THR A 324 19.79 -13.50 31.64
CA THR A 324 19.32 -12.91 30.38
C THR A 324 19.81 -13.46 29.04
N ASN A 325 19.13 -14.60 28.89
CA ASN A 325 19.32 -15.45 27.77
C ASN A 325 18.48 -14.87 26.64
N PHE A 326 19.15 -13.94 25.93
CA PHE A 326 18.63 -13.37 24.70
C PHE A 326 18.53 -14.42 23.61
N ASP A 327 19.03 -15.61 23.94
CA ASP A 327 18.88 -16.87 23.25
C ASP A 327 17.49 -17.17 22.78
N ALA A 328 16.50 -16.86 23.62
CA ALA A 328 15.12 -17.08 23.26
C ALA A 328 14.52 -15.87 22.56
N PHE A 329 15.26 -14.81 22.23
CA PHE A 329 14.72 -13.61 21.62
C PHE A 329 14.07 -13.93 20.28
N PRO A 330 14.63 -14.59 19.24
CA PRO A 330 13.88 -15.08 18.10
C PRO A 330 12.73 -16.06 18.35
N ASP A 331 12.62 -16.73 19.48
CA ASP A 331 11.47 -17.56 19.70
C ASP A 331 10.38 -16.76 20.36
N LYS A 332 10.62 -15.48 20.54
CA LYS A 332 9.60 -14.61 21.07
C LYS A 332 9.41 -13.43 20.14
N VAL A 333 10.35 -13.08 19.24
CA VAL A 333 10.08 -11.93 18.38
C VAL A 333 10.43 -12.20 16.93
N ALA A 334 9.61 -11.65 16.05
CA ALA A 334 9.91 -11.70 14.64
C ALA A 334 9.68 -10.27 14.21
N ILE A 335 10.59 -9.65 13.44
CA ILE A 335 10.33 -8.31 12.93
C ILE A 335 10.37 -8.42 11.40
N GLN A 336 9.35 -7.89 10.75
CA GLN A 336 9.24 -7.95 9.31
C GLN A 336 9.63 -6.63 8.69
N LEU A 337 10.72 -6.56 7.96
CA LEU A 337 11.13 -5.36 7.27
C LEU A 337 10.31 -5.27 6.02
N ASN A 338 9.47 -4.25 5.99
CA ASN A 338 8.76 -3.93 4.78
C ASN A 338 9.71 -3.01 4.00
N ASP A 339 10.40 -3.60 3.03
CA ASP A 339 11.34 -2.95 2.14
C ASP A 339 12.61 -2.58 2.83
N THR A 340 13.55 -1.81 2.29
CA THR A 340 14.76 -1.50 3.01
C THR A 340 14.62 -0.28 3.88
N HIS A 341 13.41 0.29 3.95
CA HIS A 341 13.19 1.51 4.70
C HIS A 341 13.44 1.29 6.16
N PRO A 342 13.15 0.16 6.81
CA PRO A 342 13.54 -0.07 8.16
C PRO A 342 14.78 -0.91 8.25
N SER A 343 15.66 -0.97 7.24
CA SER A 343 16.83 -1.86 7.32
C SER A 343 17.79 -1.52 8.45
N LEU A 344 17.79 -0.32 9.03
CA LEU A 344 18.64 -0.03 10.19
C LEU A 344 18.19 -0.82 11.43
N ALA A 345 17.07 -1.56 11.40
CA ALA A 345 16.64 -2.55 12.40
C ALA A 345 17.75 -3.52 12.72
N ILE A 346 18.52 -3.81 11.66
CA ILE A 346 19.66 -4.68 11.72
C ILE A 346 20.91 -4.09 12.36
N PRO A 347 21.69 -3.05 12.02
CA PRO A 347 22.74 -2.57 12.92
C PRO A 347 22.18 -2.02 14.22
N GLU A 348 20.93 -1.60 14.36
CA GLU A 348 20.43 -1.14 15.64
C GLU A 348 20.20 -2.30 16.58
N LEU A 349 19.67 -3.45 16.11
CA LEU A 349 19.49 -4.59 16.99
C LEU A 349 20.88 -5.05 17.38
N MET A 350 21.85 -5.10 16.49
CA MET A 350 23.21 -5.43 16.88
C MET A 350 23.78 -4.46 17.91
N ARG A 351 23.59 -3.13 17.75
CA ARG A 351 24.07 -2.08 18.62
C ARG A 351 23.59 -2.21 20.07
N VAL A 352 22.31 -2.41 20.27
CA VAL A 352 21.84 -2.61 21.60
C VAL A 352 22.42 -3.91 22.16
N LEU A 353 22.43 -4.97 21.35
CA LEU A 353 22.85 -6.24 21.87
C LEU A 353 24.31 -6.30 22.19
N VAL A 354 25.17 -5.62 21.43
CA VAL A 354 26.61 -5.68 21.65
C VAL A 354 27.07 -4.59 22.63
N ASP A 355 26.70 -3.37 22.29
CA ASP A 355 27.10 -2.23 23.07
C ASP A 355 26.46 -2.13 24.39
N LEU A 356 25.13 -2.22 24.37
CA LEU A 356 24.40 -1.96 25.60
C LEU A 356 24.19 -3.19 26.43
N GLU A 357 23.92 -4.30 25.77
CA GLU A 357 23.53 -5.51 26.47
C GLU A 357 24.67 -6.49 26.67
N ARG A 358 25.81 -6.21 26.03
CA ARG A 358 27.06 -6.92 26.23
C ARG A 358 27.18 -8.36 25.76
N LEU A 359 26.43 -8.78 24.74
CA LEU A 359 26.63 -10.11 24.16
C LEU A 359 27.81 -10.01 23.22
N ASP A 360 28.37 -11.16 22.89
CA ASP A 360 29.43 -11.20 21.91
C ASP A 360 28.79 -11.08 20.53
N TRP A 361 29.56 -10.55 19.57
CA TRP A 361 29.17 -10.25 18.21
C TRP A 361 28.56 -11.47 17.62
N ASP A 362 29.20 -12.60 17.84
CA ASP A 362 28.72 -13.79 17.20
C ASP A 362 27.43 -14.27 17.78
N LYS A 363 27.14 -14.20 19.09
CA LYS A 363 25.82 -14.53 19.60
C LYS A 363 24.82 -13.50 19.06
N ALA A 364 25.13 -12.23 19.14
CA ALA A 364 24.22 -11.22 18.68
C ALA A 364 24.01 -11.27 17.18
N TRP A 365 24.79 -11.91 16.33
CA TRP A 365 24.44 -11.96 14.92
C TRP A 365 23.46 -13.07 14.64
N GLU A 366 23.60 -14.20 15.37
CA GLU A 366 22.74 -15.38 15.24
C GLU A 366 21.38 -14.93 15.76
N VAL A 367 21.31 -14.23 16.89
CA VAL A 367 20.02 -13.69 17.32
C VAL A 367 19.46 -12.67 16.25
N THR A 368 20.15 -11.67 15.70
CA THR A 368 19.64 -10.78 14.67
C THR A 368 19.12 -11.50 13.44
N VAL A 369 19.88 -12.36 12.74
CA VAL A 369 19.33 -12.97 11.52
C VAL A 369 18.08 -13.85 11.73
N LYS A 370 18.07 -14.59 12.85
CA LYS A 370 16.93 -15.41 13.16
C LYS A 370 15.72 -14.57 13.50
N THR A 371 15.81 -13.29 13.93
CA THR A 371 14.58 -12.56 14.19
C THR A 371 14.21 -11.68 13.00
N CYS A 372 15.07 -11.29 12.06
CA CYS A 372 14.67 -10.35 11.01
C CYS A 372 14.38 -11.02 9.71
N ALA A 373 13.50 -10.45 8.90
CA ALA A 373 13.16 -10.96 7.59
C ALA A 373 12.85 -9.75 6.73
N TYR A 374 13.10 -9.79 5.42
CA TYR A 374 12.97 -8.65 4.52
C TYR A 374 11.99 -8.86 3.34
N THR A 375 10.99 -8.01 3.04
CA THR A 375 10.17 -8.18 1.86
C THR A 375 10.67 -7.18 0.84
N ASN A 376 11.07 -7.67 -0.34
CA ASN A 376 11.57 -6.85 -1.40
C ASN A 376 10.38 -6.48 -2.26
N HIS A 377 10.25 -5.21 -2.65
CA HIS A 377 9.08 -4.78 -3.36
C HIS A 377 9.41 -4.34 -4.76
N THR A 378 10.63 -4.19 -5.23
CA THR A 378 10.85 -3.83 -6.62
C THR A 378 12.19 -4.26 -7.18
N VAL A 379 12.27 -4.14 -8.51
CA VAL A 379 13.44 -4.47 -9.32
C VAL A 379 14.03 -3.24 -9.97
N ILE A 380 13.25 -2.17 -10.16
CA ILE A 380 13.75 -1.03 -10.91
C ILE A 380 14.91 -0.35 -10.11
N PRO A 381 16.10 -0.21 -10.73
CA PRO A 381 17.35 0.14 -10.06
C PRO A 381 17.40 1.45 -9.28
N GLU A 382 16.60 2.45 -9.65
CA GLU A 382 16.54 3.73 -8.98
C GLU A 382 15.60 3.75 -7.77
N ALA A 383 14.93 2.64 -7.49
CA ALA A 383 14.13 2.56 -6.30
C ALA A 383 15.03 2.15 -5.11
N LEU A 384 16.14 1.47 -5.45
CA LEU A 384 17.13 0.98 -4.51
C LEU A 384 17.75 2.04 -3.62
N GLU A 385 17.82 1.81 -2.33
CA GLU A 385 18.37 2.77 -1.41
C GLU A 385 19.83 2.52 -1.30
N ARG A 386 20.62 3.49 -1.60
CA ARG A 386 22.03 3.35 -1.45
C ARG A 386 22.37 4.70 -0.86
N TRP A 387 22.40 4.72 0.46
CA TRP A 387 22.65 5.91 1.26
C TRP A 387 24.11 6.26 1.32
N PRO A 388 24.57 7.46 1.02
CA PRO A 388 25.96 7.79 0.99
C PRO A 388 26.57 7.76 2.35
N VAL A 389 27.77 7.15 2.48
CA VAL A 389 28.54 6.98 3.72
C VAL A 389 28.68 8.26 4.52
N HIS A 390 29.10 9.40 3.95
CA HIS A 390 29.16 10.69 4.65
C HIS A 390 27.88 11.09 5.34
N LEU A 391 26.72 10.57 4.96
CA LEU A 391 25.51 10.82 5.68
C LEU A 391 25.47 9.99 6.93
N LEU A 392 25.77 8.71 6.77
CA LEU A 392 25.67 7.80 7.89
C LEU A 392 26.75 8.11 8.90
N GLU A 393 27.95 8.61 8.58
CA GLU A 393 28.97 8.83 9.57
C GLU A 393 28.75 10.11 10.35
N THR A 394 28.03 11.04 9.77
CA THR A 394 27.68 12.26 10.47
C THR A 394 26.65 11.89 11.51
N LEU A 395 25.58 11.26 11.04
CA LEU A 395 24.34 11.06 11.78
C LEU A 395 24.24 9.86 12.68
N LEU A 396 24.86 8.77 12.26
CA LEU A 396 24.72 7.55 12.98
C LEU A 396 26.10 6.96 13.01
N PRO A 397 27.19 7.51 13.63
CA PRO A 397 28.54 7.03 13.39
C PRO A 397 28.69 5.61 13.91
N ARG A 398 27.98 5.16 14.95
CA ARG A 398 28.20 3.80 15.43
C ARG A 398 27.60 2.75 14.50
N HIS A 399 26.44 2.99 13.89
CA HIS A 399 25.80 2.02 13.04
C HIS A 399 26.61 1.88 11.77
N LEU A 400 27.23 2.92 11.21
CA LEU A 400 28.10 2.75 10.03
C LEU A 400 29.24 1.73 10.32
N GLN A 401 29.75 1.83 11.56
CA GLN A 401 30.82 1.06 12.13
C GLN A 401 30.36 -0.35 12.25
N ILE A 402 29.12 -0.61 12.64
CA ILE A 402 28.60 -1.97 12.70
C ILE A 402 28.45 -2.48 11.27
N ILE A 403 27.86 -1.72 10.35
CA ILE A 403 27.74 -2.08 8.93
C ILE A 403 29.10 -2.35 8.27
N TYR A 404 30.21 -1.72 8.63
CA TYR A 404 31.49 -2.07 8.05
C TYR A 404 31.94 -3.41 8.66
N GLU A 405 31.80 -3.74 9.95
CA GLU A 405 32.18 -5.05 10.47
C GLU A 405 31.26 -6.16 9.95
N ILE A 406 29.93 -5.96 9.76
CA ILE A 406 28.99 -6.91 9.16
C ILE A 406 29.46 -7.22 7.75
N ASN A 407 29.76 -6.14 7.01
CA ASN A 407 30.22 -6.23 5.64
C ASN A 407 31.45 -7.10 5.54
N GLN A 408 32.40 -6.85 6.44
CA GLN A 408 33.65 -7.60 6.52
C GLN A 408 33.48 -9.08 6.75
N ARG A 409 32.69 -9.40 7.73
CA ARG A 409 32.52 -10.80 8.04
C ARG A 409 31.72 -11.51 6.97
N PHE A 410 30.86 -10.75 6.28
CA PHE A 410 30.02 -11.32 5.23
C PHE A 410 30.86 -11.72 3.98
N LEU A 411 31.64 -10.77 3.50
CA LEU A 411 32.50 -11.03 2.40
C LEU A 411 33.55 -12.02 2.78
N ASN A 412 33.86 -12.28 4.05
CA ASN A 412 34.82 -13.34 4.35
C ASN A 412 34.19 -14.68 4.19
N ARG A 413 32.86 -14.74 4.19
CA ARG A 413 32.15 -15.99 3.96
C ARG A 413 32.05 -16.25 2.48
N VAL A 414 31.85 -15.16 1.76
CA VAL A 414 31.74 -15.20 0.33
C VAL A 414 33.05 -15.71 -0.28
N ALA A 415 34.14 -15.05 0.03
CA ALA A 415 35.45 -15.43 -0.43
C ALA A 415 35.74 -16.81 0.08
N ALA A 416 35.31 -17.23 1.25
CA ALA A 416 35.59 -18.61 1.59
C ALA A 416 34.79 -19.56 0.70
N ALA A 417 33.60 -19.14 0.28
CA ALA A 417 32.71 -19.96 -0.49
C ALA A 417 33.02 -19.89 -1.96
N PHE A 418 33.56 -18.79 -2.49
CA PHE A 418 33.78 -18.70 -3.90
C PHE A 418 35.20 -18.18 -4.03
N PRO A 419 36.24 -18.98 -3.69
CA PRO A 419 37.63 -18.53 -3.58
C PRO A 419 38.19 -18.21 -4.93
N GLY A 420 38.79 -17.04 -4.83
CA GLY A 420 39.37 -16.43 -5.98
C GLY A 420 38.37 -15.52 -6.66
N ASP A 421 37.01 -15.65 -6.52
CA ASP A 421 36.04 -14.86 -7.28
C ASP A 421 35.89 -13.42 -6.77
N VAL A 422 36.87 -12.70 -7.27
CA VAL A 422 37.05 -11.35 -6.88
C VAL A 422 36.00 -10.46 -7.51
N ASP A 423 35.27 -10.67 -8.63
CA ASP A 423 34.25 -9.68 -8.99
C ASP A 423 32.97 -9.92 -8.18
N ARG A 424 32.77 -11.13 -7.70
CA ARG A 424 31.64 -11.44 -6.88
C ARG A 424 31.73 -10.59 -5.63
N LEU A 425 32.93 -10.63 -5.04
CA LEU A 425 33.26 -9.81 -3.88
C LEU A 425 32.90 -8.32 -4.02
N ARG A 426 33.10 -7.66 -5.16
CA ARG A 426 32.78 -6.27 -5.30
C ARG A 426 31.32 -6.10 -5.59
N ARG A 427 30.68 -7.16 -6.14
CA ARG A 427 29.24 -7.14 -6.37
C ARG A 427 28.44 -7.43 -5.09
N MET A 428 28.91 -8.28 -4.16
CA MET A 428 28.13 -8.56 -2.97
C MET A 428 28.30 -7.55 -1.87
N SER A 429 29.45 -6.89 -1.79
CA SER A 429 29.70 -5.83 -0.82
C SER A 429 28.52 -4.92 -0.52
N LEU A 430 28.33 -4.70 0.77
CA LEU A 430 27.32 -3.74 1.18
C LEU A 430 27.83 -2.31 1.02
N VAL A 431 29.12 -2.11 0.66
CA VAL A 431 29.75 -0.80 0.47
C VAL A 431 30.06 -0.62 -1.03
N GLU A 432 29.36 0.30 -1.68
CA GLU A 432 29.52 0.55 -3.08
C GLU A 432 30.61 1.60 -3.24
N GLU A 433 31.80 1.24 -3.70
CA GLU A 433 32.75 2.29 -4.02
C GLU A 433 32.20 2.96 -5.29
N GLY A 434 32.67 4.14 -5.59
CA GLY A 434 32.20 4.96 -6.70
C GLY A 434 32.63 6.34 -6.29
N ALA A 435 32.26 7.43 -6.97
CA ALA A 435 32.71 8.75 -6.54
C ALA A 435 32.27 9.01 -5.09
N VAL A 436 30.98 8.76 -4.90
CA VAL A 436 30.28 8.87 -3.64
C VAL A 436 30.19 7.39 -3.29
N LYS A 437 30.89 7.05 -2.22
CA LYS A 437 30.86 5.71 -1.65
C LYS A 437 29.53 5.56 -0.95
N ARG A 438 28.77 4.49 -1.14
CA ARG A 438 27.41 4.35 -0.62
C ARG A 438 27.18 3.04 0.06
N ILE A 439 26.11 2.86 0.82
CA ILE A 439 25.88 1.59 1.50
C ILE A 439 24.67 1.06 0.81
N ASN A 440 24.75 -0.19 0.40
CA ASN A 440 23.63 -0.81 -0.26
C ASN A 440 22.77 -1.52 0.77
N MET A 441 21.65 -0.86 1.04
CA MET A 441 20.76 -1.30 2.11
C MET A 441 20.04 -2.59 1.82
N ALA A 442 19.68 -2.91 0.57
CA ALA A 442 19.12 -4.19 0.18
C ALA A 442 20.09 -5.29 0.47
N HIS A 443 21.38 -5.01 0.27
CA HIS A 443 22.41 -6.01 0.59
C HIS A 443 22.45 -6.27 2.10
N LEU A 444 22.38 -5.25 2.95
CA LEU A 444 22.30 -5.34 4.42
C LEU A 444 21.21 -6.27 4.86
N CYS A 445 20.05 -6.01 4.27
CA CYS A 445 18.87 -6.79 4.50
C CYS A 445 19.04 -8.25 4.16
N ILE A 446 19.57 -8.62 2.99
CA ILE A 446 19.76 -10.03 2.64
C ILE A 446 20.81 -10.56 3.59
N ALA A 447 21.87 -9.83 3.98
CA ALA A 447 22.88 -10.37 4.88
C ALA A 447 22.37 -10.62 6.29
N GLY A 448 21.48 -9.76 6.80
CA GLY A 448 21.11 -9.90 8.20
C GLY A 448 19.69 -10.35 8.43
N SER A 449 19.02 -10.90 7.40
CA SER A 449 17.68 -11.47 7.51
C SER A 449 17.78 -12.95 7.29
N HIS A 450 16.90 -13.79 7.86
CA HIS A 450 16.96 -15.25 7.64
C HIS A 450 16.05 -15.59 6.47
N ALA A 451 15.27 -14.66 5.89
CA ALA A 451 14.32 -15.03 4.85
C ALA A 451 14.18 -13.78 4.05
N VAL A 452 14.08 -13.87 2.73
CA VAL A 452 13.97 -12.73 1.84
C VAL A 452 12.86 -13.15 0.94
N ASN A 453 11.97 -12.25 0.57
CA ASN A 453 10.91 -12.67 -0.32
C ASN A 453 10.47 -11.59 -1.29
N GLY A 454 9.94 -12.06 -2.42
CA GLY A 454 9.40 -11.21 -3.44
C GLY A 454 7.90 -11.26 -3.31
N VAL A 455 7.21 -10.33 -3.96
CA VAL A 455 5.77 -10.19 -3.82
C VAL A 455 4.97 -10.81 -4.92
N ALA A 456 5.57 -11.64 -5.76
CA ALA A 456 4.82 -12.42 -6.76
C ALA A 456 5.80 -13.39 -7.36
N ARG A 457 5.30 -14.52 -7.86
CA ARG A 457 6.12 -15.57 -8.38
C ARG A 457 7.07 -15.13 -9.48
N ILE A 458 6.74 -14.31 -10.49
CA ILE A 458 7.82 -13.88 -11.36
C ILE A 458 8.75 -13.01 -10.54
N HIS A 459 8.29 -11.99 -9.79
CA HIS A 459 9.18 -11.10 -9.07
C HIS A 459 10.14 -11.91 -8.22
N SER A 460 9.70 -12.96 -7.55
CA SER A 460 10.59 -13.75 -6.73
C SER A 460 11.53 -14.57 -7.59
N GLU A 461 11.13 -14.96 -8.82
CA GLU A 461 12.06 -15.66 -9.67
C GLU A 461 13.11 -14.76 -10.29
N ILE A 462 12.76 -13.54 -10.57
CA ILE A 462 13.69 -12.59 -11.06
C ILE A 462 14.75 -12.25 -10.03
N LEU A 463 14.41 -12.26 -8.75
CA LEU A 463 15.41 -11.89 -7.75
C LEU A 463 16.46 -12.93 -7.72
N LYS A 464 16.05 -14.19 -7.86
CA LYS A 464 17.01 -15.26 -7.75
C LYS A 464 17.84 -15.30 -8.99
N LYS A 465 17.20 -14.94 -10.09
CA LYS A 465 17.84 -15.07 -11.40
C LYS A 465 18.61 -13.87 -11.88
N THR A 466 18.40 -12.69 -11.36
CA THR A 466 19.03 -11.52 -11.92
C THR A 466 19.59 -10.72 -10.77
N ILE A 467 18.68 -10.05 -10.08
CA ILE A 467 19.12 -9.01 -9.20
C ILE A 467 19.85 -9.55 -7.98
N PHE A 468 19.49 -10.69 -7.38
CA PHE A 468 20.22 -11.17 -6.25
C PHE A 468 20.75 -12.56 -6.45
N LYS A 469 21.05 -12.97 -7.72
CA LYS A 469 21.65 -14.27 -7.99
C LYS A 469 22.90 -14.50 -7.17
N ASP A 470 23.90 -13.63 -7.07
CA ASP A 470 25.05 -13.84 -6.21
C ASP A 470 24.67 -14.29 -4.81
N PHE A 471 23.62 -13.68 -4.23
CA PHE A 471 23.11 -13.96 -2.90
C PHE A 471 22.36 -15.28 -2.75
N TYR A 472 21.60 -15.67 -3.76
CA TYR A 472 20.95 -16.96 -3.86
C TYR A 472 22.00 -18.10 -3.93
N GLU A 473 23.10 -17.94 -4.65
CA GLU A 473 24.11 -18.98 -4.76
C GLU A 473 24.78 -19.10 -3.44
N LEU A 474 25.11 -18.00 -2.75
CA LEU A 474 25.63 -18.11 -1.38
C LEU A 474 24.57 -18.69 -0.42
N GLU A 475 23.32 -18.23 -0.28
CA GLU A 475 22.40 -18.78 0.71
C GLU A 475 21.05 -19.08 0.09
N PRO A 476 20.86 -20.15 -0.70
CA PRO A 476 19.67 -20.41 -1.52
C PRO A 476 18.42 -20.54 -0.67
N HIS A 477 18.62 -21.10 0.51
CA HIS A 477 17.57 -21.30 1.49
C HIS A 477 16.88 -20.02 1.93
N LYS A 478 17.43 -18.82 1.67
CA LYS A 478 16.83 -17.61 2.22
C LYS A 478 15.72 -17.11 1.38
N PHE A 479 15.80 -17.32 0.06
CA PHE A 479 14.89 -16.67 -0.83
C PHE A 479 13.63 -17.45 -0.84
N GLN A 480 12.50 -16.74 -0.79
CA GLN A 480 11.15 -17.26 -0.67
C GLN A 480 10.25 -16.42 -1.52
N ASN A 481 9.00 -16.76 -1.73
CA ASN A 481 8.03 -15.93 -2.43
C ASN A 481 6.77 -15.81 -1.57
N LYS A 482 6.01 -14.72 -1.58
CA LYS A 482 4.73 -14.76 -0.89
C LYS A 482 3.96 -13.82 -1.75
N THR A 483 3.03 -14.30 -2.56
CA THR A 483 2.30 -13.43 -3.45
C THR A 483 1.35 -12.71 -2.52
N ASN A 484 1.29 -11.43 -2.89
CA ASN A 484 0.42 -10.43 -2.33
C ASN A 484 -1.04 -10.85 -2.39
N GLY A 485 -1.82 -10.11 -1.60
CA GLY A 485 -3.22 -10.25 -1.45
C GLY A 485 -3.76 -8.89 -0.99
N ILE A 486 -5.08 -8.92 -0.89
CA ILE A 486 -5.99 -7.82 -0.68
C ILE A 486 -6.91 -8.41 0.39
N THR A 487 -7.57 -7.55 1.15
CA THR A 487 -8.45 -8.01 2.20
C THR A 487 -9.84 -7.99 1.62
N PRO A 488 -10.48 -9.17 1.72
CA PRO A 488 -11.86 -9.35 1.34
C PRO A 488 -12.85 -8.49 2.09
N ARG A 489 -12.53 -7.97 3.28
CA ARG A 489 -13.36 -7.12 4.11
C ARG A 489 -13.40 -5.73 3.51
N ARG A 490 -12.39 -4.84 3.44
CA ARG A 490 -12.60 -3.59 2.69
C ARG A 490 -12.83 -3.77 1.24
N TRP A 491 -12.06 -4.59 0.55
CA TRP A 491 -12.11 -4.68 -0.89
C TRP A 491 -13.23 -5.53 -1.46
N LEU A 492 -14.19 -5.97 -0.66
CA LEU A 492 -15.39 -6.62 -1.16
C LEU A 492 -16.57 -6.32 -0.24
N VAL A 493 -16.60 -6.79 1.01
CA VAL A 493 -17.75 -6.59 1.90
C VAL A 493 -18.05 -5.13 2.08
N LEU A 494 -17.08 -4.27 2.19
CA LEU A 494 -17.41 -2.89 2.40
C LEU A 494 -17.47 -2.01 1.15
N CYS A 495 -16.70 -2.14 0.07
CA CYS A 495 -17.01 -1.31 -1.07
C CYS A 495 -18.09 -1.88 -1.97
N ASN A 496 -18.46 -3.17 -1.81
CA ASN A 496 -19.43 -3.81 -2.67
C ASN A 496 -20.34 -4.73 -1.88
N PRO A 497 -21.30 -4.16 -1.10
CA PRO A 497 -22.25 -4.90 -0.26
C PRO A 497 -23.19 -5.65 -1.19
N GLY A 498 -23.54 -5.12 -2.33
CA GLY A 498 -24.44 -5.81 -3.27
C GLY A 498 -23.86 -7.08 -3.83
N LEU A 499 -22.64 -7.04 -4.33
CA LEU A 499 -22.00 -8.23 -4.80
C LEU A 499 -21.78 -9.15 -3.61
N ALA A 500 -21.52 -8.70 -2.39
CA ALA A 500 -21.30 -9.67 -1.31
C ALA A 500 -22.59 -10.31 -0.90
N GLU A 501 -23.78 -9.65 -0.88
CA GLU A 501 -25.00 -10.33 -0.49
C GLU A 501 -25.30 -11.36 -1.56
N ILE A 502 -25.30 -11.13 -2.90
CA ILE A 502 -25.71 -12.17 -3.86
C ILE A 502 -24.78 -13.39 -3.87
N ILE A 503 -23.51 -13.20 -3.50
CA ILE A 503 -22.66 -14.36 -3.28
C ILE A 503 -23.13 -15.03 -2.00
N ALA A 504 -23.30 -14.31 -0.90
CA ALA A 504 -23.73 -14.88 0.35
C ALA A 504 -25.11 -15.54 0.32
N GLU A 505 -25.97 -15.10 -0.59
CA GLU A 505 -27.26 -15.75 -0.84
C GLU A 505 -27.11 -17.20 -1.32
N ARG A 506 -26.21 -17.48 -2.28
CA ARG A 506 -25.99 -18.83 -2.79
C ARG A 506 -25.06 -19.64 -1.86
N ILE A 507 -23.84 -19.14 -1.68
CA ILE A 507 -22.88 -19.87 -0.87
C ILE A 507 -22.72 -19.47 0.62
N GLY A 508 -23.48 -18.57 1.22
CA GLY A 508 -23.31 -18.23 2.63
C GLY A 508 -22.23 -17.16 2.87
N GLU A 509 -21.91 -16.83 4.13
CA GLU A 509 -20.90 -15.82 4.46
C GLU A 509 -19.52 -16.36 4.86
N GLU A 510 -19.21 -17.64 5.06
CA GLU A 510 -17.88 -18.04 5.51
C GLU A 510 -16.74 -17.69 4.55
N TYR A 511 -17.08 -17.27 3.31
CA TYR A 511 -16.06 -16.91 2.35
C TYR A 511 -15.36 -15.62 2.76
N ILE A 512 -15.91 -14.77 3.64
CA ILE A 512 -15.29 -13.48 3.93
C ILE A 512 -13.98 -13.66 4.68
N SER A 513 -13.82 -14.77 5.40
CA SER A 513 -12.54 -15.14 5.96
C SER A 513 -12.06 -16.49 5.38
N ASP A 514 -12.68 -16.99 4.32
CA ASP A 514 -12.12 -18.12 3.64
C ASP A 514 -12.46 -17.87 2.19
N LEU A 515 -11.80 -16.88 1.58
CA LEU A 515 -12.10 -16.51 0.19
C LEU A 515 -11.94 -17.63 -0.83
N ASP A 516 -11.22 -18.72 -0.55
CA ASP A 516 -11.16 -19.84 -1.47
C ASP A 516 -12.55 -20.46 -1.74
N GLN A 517 -13.51 -20.35 -0.84
CA GLN A 517 -14.89 -20.74 -1.06
C GLN A 517 -15.55 -20.07 -2.28
N LEU A 518 -15.01 -18.98 -2.79
CA LEU A 518 -15.62 -18.32 -3.92
C LEU A 518 -15.68 -19.31 -5.06
N ARG A 519 -14.79 -20.31 -5.12
CA ARG A 519 -14.83 -21.30 -6.17
C ARG A 519 -16.12 -22.09 -6.31
N LYS A 520 -16.92 -22.17 -5.26
CA LYS A 520 -18.17 -22.88 -5.28
C LYS A 520 -19.14 -22.09 -6.15
N LEU A 521 -18.77 -20.89 -6.65
CA LEU A 521 -19.60 -20.05 -7.51
C LEU A 521 -19.55 -20.47 -8.97
N LEU A 522 -18.52 -21.25 -9.30
CA LEU A 522 -18.40 -21.75 -10.65
C LEU A 522 -19.70 -22.50 -10.99
N SER A 523 -20.32 -23.24 -10.05
CA SER A 523 -21.57 -23.92 -10.28
C SER A 523 -22.66 -23.02 -10.81
N TYR A 524 -22.57 -21.72 -10.59
CA TYR A 524 -23.62 -20.82 -11.02
C TYR A 524 -23.29 -20.07 -12.30
N VAL A 525 -22.19 -20.41 -13.03
CA VAL A 525 -21.84 -19.72 -14.25
C VAL A 525 -22.87 -19.86 -15.35
N ASP A 526 -23.69 -20.88 -15.20
CA ASP A 526 -24.75 -21.12 -16.12
C ASP A 526 -26.12 -20.87 -15.51
N ASP A 527 -26.18 -20.34 -14.29
CA ASP A 527 -27.41 -20.02 -13.58
C ASP A 527 -27.80 -18.60 -13.96
N GLU A 528 -28.86 -18.58 -14.73
CA GLU A 528 -29.41 -17.35 -15.27
C GLU A 528 -29.92 -16.44 -14.20
N ALA A 529 -30.16 -16.92 -12.98
CA ALA A 529 -30.57 -16.02 -11.92
C ALA A 529 -29.24 -15.38 -11.52
N PHE A 530 -28.17 -16.14 -11.28
CA PHE A 530 -26.92 -15.51 -10.93
C PHE A 530 -26.34 -14.58 -11.99
N ILE A 531 -26.33 -14.95 -13.27
CA ILE A 531 -25.88 -14.04 -14.33
C ILE A 531 -26.64 -12.69 -14.27
N ARG A 532 -27.96 -12.63 -14.04
CA ARG A 532 -28.70 -11.39 -14.03
C ARG A 532 -28.41 -10.56 -12.77
N ASP A 533 -28.16 -11.20 -11.64
CA ASP A 533 -27.89 -10.53 -10.39
C ASP A 533 -26.50 -9.99 -10.44
N VAL A 534 -25.51 -10.78 -10.76
CA VAL A 534 -24.17 -10.23 -10.98
C VAL A 534 -24.22 -9.03 -11.94
N ALA A 535 -25.00 -9.13 -12.99
CA ALA A 535 -25.07 -8.05 -13.95
C ALA A 535 -25.84 -6.90 -13.38
N LYS A 536 -26.85 -7.11 -12.53
CA LYS A 536 -27.59 -5.99 -11.96
C LYS A 536 -26.72 -5.21 -10.95
N VAL A 537 -25.97 -5.87 -10.09
CA VAL A 537 -25.02 -5.24 -9.18
C VAL A 537 -24.01 -4.35 -9.91
N LYS A 538 -23.44 -4.79 -11.04
CA LYS A 538 -22.47 -3.96 -11.72
C LYS A 538 -23.13 -2.76 -12.30
N GLN A 539 -24.32 -2.86 -12.89
CA GLN A 539 -25.01 -1.69 -13.42
C GLN A 539 -25.40 -0.73 -12.30
N GLU A 540 -25.69 -1.24 -11.11
CA GLU A 540 -26.02 -0.41 -9.96
C GLU A 540 -24.85 0.42 -9.54
N ASN A 541 -23.71 -0.22 -9.43
CA ASN A 541 -22.48 0.44 -9.08
C ASN A 541 -22.11 1.46 -10.11
N LYS A 542 -22.34 1.20 -11.40
CA LYS A 542 -22.04 2.17 -12.43
C LYS A 542 -22.94 3.38 -12.30
N LEU A 543 -24.23 3.21 -12.04
CA LEU A 543 -25.12 4.33 -11.80
C LEU A 543 -24.75 5.07 -10.51
N LYS A 544 -24.37 4.41 -9.42
CA LYS A 544 -24.02 5.15 -8.21
C LYS A 544 -22.75 5.98 -8.40
N PHE A 545 -21.78 5.50 -9.18
CA PHE A 545 -20.53 6.20 -9.42
C PHE A 545 -20.76 7.28 -10.45
N ALA A 546 -21.57 7.07 -11.50
CA ALA A 546 -21.89 8.12 -12.49
C ALA A 546 -22.58 9.32 -11.83
N ALA A 547 -23.42 9.05 -10.82
CA ALA A 547 -24.06 10.07 -10.02
C ALA A 547 -22.93 10.73 -9.24
N TYR A 548 -22.04 10.01 -8.52
CA TYR A 548 -20.96 10.59 -7.71
C TYR A 548 -20.19 11.55 -8.55
N LEU A 549 -19.91 11.11 -9.75
CA LEU A 549 -19.16 11.89 -10.68
C LEU A 549 -19.89 13.18 -10.93
N GLU A 550 -21.13 13.12 -11.36
CA GLU A 550 -22.02 14.26 -11.55
C GLU A 550 -22.22 15.21 -10.35
N ARG A 551 -22.21 14.66 -9.15
CA ARG A 551 -22.41 15.37 -7.90
C ARG A 551 -21.10 16.05 -7.58
N GLU A 552 -20.20 15.33 -6.90
CA GLU A 552 -18.94 15.78 -6.34
C GLU A 552 -17.98 16.47 -7.30
N TYR A 553 -18.07 16.12 -8.59
CA TYR A 553 -17.19 16.65 -9.59
C TYR A 553 -17.91 17.03 -10.89
N LYS A 554 -19.24 17.16 -10.93
CA LYS A 554 -20.02 17.53 -12.11
C LYS A 554 -19.95 16.76 -13.47
N VAL A 555 -18.81 16.45 -14.06
CA VAL A 555 -18.54 15.68 -15.31
C VAL A 555 -19.51 14.90 -16.26
N HIS A 556 -20.60 14.25 -15.82
CA HIS A 556 -21.51 13.39 -16.61
C HIS A 556 -21.08 12.61 -17.87
N ILE A 557 -21.00 11.35 -17.47
CA ILE A 557 -20.60 10.20 -18.26
C ILE A 557 -21.85 9.35 -18.57
N ASN A 558 -21.89 8.48 -19.58
CA ASN A 558 -23.03 7.64 -19.90
C ASN A 558 -23.00 6.30 -19.14
N PRO A 559 -23.77 5.88 -18.11
CA PRO A 559 -23.65 4.56 -17.46
C PRO A 559 -23.80 3.34 -18.35
N ASN A 560 -24.13 3.51 -19.61
CA ASN A 560 -24.26 2.36 -20.47
C ASN A 560 -23.04 2.11 -21.33
N SER A 561 -21.87 2.61 -20.91
CA SER A 561 -20.66 2.27 -21.60
C SER A 561 -19.78 1.32 -20.82
N LEU A 562 -18.76 0.79 -21.50
CA LEU A 562 -17.70 -0.04 -20.92
C LEU A 562 -16.98 0.98 -20.04
N PHE A 563 -16.73 0.70 -18.77
CA PHE A 563 -16.05 1.67 -17.94
C PHE A 563 -14.69 1.07 -17.87
N ASP A 564 -13.82 1.70 -18.62
CA ASP A 564 -12.43 1.36 -18.84
C ASP A 564 -11.56 2.11 -17.84
N VAL A 565 -11.03 1.48 -16.82
CA VAL A 565 -10.32 2.28 -15.86
C VAL A 565 -8.96 1.80 -15.43
N GLN A 566 -8.08 2.80 -15.50
CA GLN A 566 -6.73 2.63 -14.98
C GLN A 566 -6.57 3.50 -13.77
N VAL A 567 -6.48 2.97 -12.55
CA VAL A 567 -6.18 3.81 -11.39
C VAL A 567 -4.95 3.33 -10.60
N LYS A 568 -3.87 4.09 -10.46
CA LYS A 568 -2.61 3.70 -9.82
C LYS A 568 -1.66 4.91 -9.88
N ARG A 569 -0.50 4.99 -9.22
CA ARG A 569 0.35 6.16 -9.30
C ARG A 569 0.86 6.38 -10.72
N ILE A 570 1.05 7.63 -11.16
CA ILE A 570 1.55 7.88 -12.51
C ILE A 570 3.05 7.60 -12.71
N HIS A 571 3.44 6.42 -13.17
CA HIS A 571 4.85 6.19 -13.45
C HIS A 571 5.03 5.78 -14.91
N GLU A 572 6.15 6.06 -15.60
CA GLU A 572 6.39 5.56 -16.96
C GLU A 572 6.21 4.05 -17.17
N TYR A 573 6.76 3.19 -16.29
CA TYR A 573 6.58 1.75 -16.33
C TYR A 573 5.15 1.34 -16.12
N LYS A 574 4.26 2.13 -15.62
CA LYS A 574 2.90 1.66 -15.37
C LYS A 574 2.08 1.74 -16.66
N ARG A 575 2.62 2.58 -17.58
CA ARG A 575 2.22 2.90 -18.94
C ARG A 575 0.90 3.56 -19.26
N GLN A 576 0.72 4.71 -18.61
CA GLN A 576 -0.49 5.47 -18.86
C GLN A 576 -0.42 5.99 -20.30
N LEU A 577 0.79 6.13 -20.85
CA LEU A 577 1.01 6.57 -22.20
C LEU A 577 0.49 5.56 -23.20
N LEU A 578 0.59 4.24 -22.99
CA LEU A 578 0.14 3.23 -23.93
C LEU A 578 -1.32 3.29 -23.87
N ASN A 579 -1.99 3.46 -22.72
CA ASN A 579 -3.46 3.63 -22.70
C ASN A 579 -3.92 4.88 -23.47
N CYS A 580 -3.26 6.02 -23.26
CA CYS A 580 -3.48 7.22 -24.04
C CYS A 580 -3.35 6.92 -25.52
N LEU A 581 -2.41 6.09 -25.99
CA LEU A 581 -2.19 5.88 -27.40
C LEU A 581 -3.39 5.16 -27.95
N HIS A 582 -3.95 4.23 -27.18
CA HIS A 582 -5.17 3.55 -27.53
C HIS A 582 -6.38 4.48 -27.59
N VAL A 583 -6.64 5.41 -26.67
CA VAL A 583 -7.84 6.24 -26.72
C VAL A 583 -7.79 7.23 -27.86
N ILE A 584 -6.61 7.73 -28.20
CA ILE A 584 -6.43 8.59 -29.36
C ILE A 584 -6.75 7.69 -30.55
N THR A 585 -6.30 6.42 -30.72
CA THR A 585 -6.65 5.54 -31.82
C THR A 585 -8.16 5.46 -31.98
N LEU A 586 -8.87 5.19 -30.88
CA LEU A 586 -10.33 5.05 -30.89
C LEU A 586 -10.92 6.30 -31.46
N TYR A 587 -10.47 7.44 -30.97
CA TYR A 587 -10.94 8.73 -31.40
C TYR A 587 -10.85 8.91 -32.92
N ASN A 588 -9.68 8.59 -33.44
CA ASN A 588 -9.34 8.72 -34.83
C ASN A 588 -10.06 7.68 -35.70
N ARG A 589 -10.27 6.44 -35.26
CA ARG A 589 -11.03 5.46 -36.03
C ARG A 589 -12.49 5.87 -36.21
N ILE A 590 -13.05 6.68 -35.33
CA ILE A 590 -14.43 7.12 -35.49
C ILE A 590 -14.41 8.51 -36.06
N LYS A 591 -13.28 9.19 -36.15
CA LYS A 591 -13.24 10.43 -36.89
C LYS A 591 -13.19 10.09 -38.40
N LYS A 592 -12.56 8.97 -38.80
CA LYS A 592 -12.54 8.52 -40.19
C LYS A 592 -13.85 7.88 -40.53
N GLU A 593 -14.49 7.13 -39.63
CA GLU A 593 -15.77 6.55 -40.00
C GLU A 593 -16.78 6.96 -38.95
N PRO A 594 -17.26 8.19 -38.93
CA PRO A 594 -18.16 8.71 -37.92
C PRO A 594 -19.35 7.82 -37.64
N ASN A 595 -19.91 7.21 -38.70
CA ASN A 595 -21.15 6.47 -38.58
C ASN A 595 -21.01 4.97 -38.49
N LYS A 596 -19.92 4.52 -37.88
CA LYS A 596 -19.75 3.12 -37.60
C LYS A 596 -20.15 3.02 -36.14
N PHE A 597 -20.86 1.99 -35.76
CA PHE A 597 -21.15 1.80 -34.36
C PHE A 597 -19.86 1.29 -33.76
N VAL A 598 -19.41 1.88 -32.67
CA VAL A 598 -18.33 1.31 -31.92
C VAL A 598 -18.95 1.09 -30.55
N VAL A 599 -18.62 0.07 -29.74
CA VAL A 599 -19.07 -0.04 -28.35
C VAL A 599 -18.54 1.20 -27.61
N PRO A 600 -19.42 2.00 -26.98
CA PRO A 600 -19.07 3.26 -26.34
C PRO A 600 -18.31 3.02 -25.04
N ARG A 601 -17.24 3.74 -24.64
CA ARG A 601 -16.61 3.52 -23.37
C ARG A 601 -16.23 4.82 -22.73
N THR A 602 -16.36 4.76 -21.40
CA THR A 602 -15.94 5.86 -20.58
C THR A 602 -14.59 5.39 -20.09
N VAL A 603 -13.50 6.07 -20.44
CA VAL A 603 -12.20 5.68 -19.94
C VAL A 603 -11.70 6.69 -18.93
N MET A 604 -11.40 6.14 -17.76
CA MET A 604 -11.06 6.89 -16.57
C MET A 604 -9.64 6.57 -16.13
N ILE A 605 -8.73 7.54 -16.11
CA ILE A 605 -7.34 7.32 -15.69
C ILE A 605 -7.22 8.20 -14.42
N GLY A 606 -6.73 7.69 -13.26
CA GLY A 606 -6.54 8.40 -12.01
C GLY A 606 -5.23 7.99 -11.29
N GLY A 607 -4.56 8.88 -10.59
CA GLY A 607 -3.32 8.56 -9.94
C GLY A 607 -2.50 9.80 -9.69
N LYS A 608 -1.56 9.63 -8.76
CA LYS A 608 -0.77 10.79 -8.38
C LYS A 608 0.60 10.69 -8.95
N ALA A 609 1.09 11.88 -9.29
CA ALA A 609 2.46 12.07 -9.75
C ALA A 609 3.38 12.56 -8.62
N ALA A 610 4.53 11.99 -8.32
CA ALA A 610 5.43 12.58 -7.32
C ALA A 610 5.74 14.00 -7.76
N PRO A 611 5.88 15.02 -6.92
CA PRO A 611 5.90 16.39 -7.36
C PRO A 611 6.94 16.87 -8.36
N GLY A 612 8.15 16.33 -8.39
CA GLY A 612 9.15 16.83 -9.33
C GLY A 612 9.49 15.79 -10.38
N TYR A 613 8.56 14.88 -10.61
CA TYR A 613 8.73 13.89 -11.64
C TYR A 613 8.06 14.56 -12.80
N HIS A 614 8.85 15.27 -13.60
CA HIS A 614 8.35 15.96 -14.77
C HIS A 614 7.65 15.00 -15.73
N MET A 615 8.09 13.81 -16.14
CA MET A 615 7.27 12.99 -17.05
C MET A 615 5.90 12.73 -16.49
N ALA A 616 5.75 12.33 -15.24
CA ALA A 616 4.42 12.03 -14.72
C ALA A 616 3.45 13.20 -14.76
N LYS A 617 3.99 14.41 -14.53
CA LYS A 617 3.19 15.63 -14.53
C LYS A 617 2.85 15.93 -15.95
N MET A 618 3.71 15.56 -16.89
CA MET A 618 3.43 15.80 -18.29
C MET A 618 2.41 14.80 -18.82
N ILE A 619 2.37 13.59 -18.25
CA ILE A 619 1.37 12.59 -18.65
C ILE A 619 -0.02 12.98 -18.13
N ILE A 620 -0.13 13.62 -16.95
CA ILE A 620 -1.42 14.08 -16.48
C ILE A 620 -1.88 15.21 -17.41
N LYS A 621 -0.98 16.07 -17.92
CA LYS A 621 -1.41 17.12 -18.82
C LYS A 621 -1.76 16.50 -20.17
N LEU A 622 -1.14 15.42 -20.72
CA LEU A 622 -1.63 14.80 -21.95
C LEU A 622 -3.05 14.24 -21.77
N ILE A 623 -3.30 13.50 -20.68
CA ILE A 623 -4.62 12.91 -20.44
C ILE A 623 -5.66 14.02 -20.36
N THR A 624 -5.48 15.10 -19.61
CA THR A 624 -6.52 16.09 -19.55
C THR A 624 -6.57 16.73 -20.93
N ALA A 625 -5.48 16.87 -21.68
CA ALA A 625 -5.58 17.39 -23.05
C ALA A 625 -6.36 16.53 -24.05
N ILE A 626 -6.33 15.20 -23.94
CA ILE A 626 -7.10 14.32 -24.82
C ILE A 626 -8.55 14.46 -24.47
N GLY A 627 -8.87 14.55 -23.20
CA GLY A 627 -10.25 14.72 -22.78
C GLY A 627 -10.81 16.06 -23.24
N ASP A 628 -10.00 17.10 -23.37
CA ASP A 628 -10.48 18.38 -23.86
C ASP A 628 -10.92 18.27 -25.31
N VAL A 629 -10.28 17.45 -26.15
CA VAL A 629 -10.71 17.28 -27.53
C VAL A 629 -11.89 16.33 -27.55
N VAL A 630 -11.68 15.08 -27.13
CA VAL A 630 -12.68 14.02 -27.24
C VAL A 630 -14.04 14.34 -26.63
N ASN A 631 -13.99 14.95 -25.44
CA ASN A 631 -15.18 15.24 -24.69
C ASN A 631 -15.92 16.39 -25.31
N HIS A 632 -15.34 17.10 -26.29
CA HIS A 632 -16.04 18.21 -26.92
C HIS A 632 -16.20 18.06 -28.41
N ASP A 633 -15.92 16.86 -28.92
CA ASP A 633 -16.17 16.66 -30.32
C ASP A 633 -17.64 16.22 -30.50
N PRO A 634 -18.41 16.79 -31.43
CA PRO A 634 -19.79 16.40 -31.65
C PRO A 634 -19.93 15.12 -32.47
N VAL A 635 -18.94 14.72 -33.24
CA VAL A 635 -19.14 13.52 -34.04
C VAL A 635 -19.00 12.29 -33.15
N VAL A 636 -18.23 12.44 -32.07
CA VAL A 636 -17.96 11.41 -31.07
C VAL A 636 -19.23 11.18 -30.30
N GLY A 637 -20.01 12.22 -30.02
CA GLY A 637 -21.22 12.07 -29.23
C GLY A 637 -20.84 11.54 -27.87
N ASP A 638 -21.64 10.67 -27.32
CA ASP A 638 -21.30 10.10 -26.03
C ASP A 638 -20.50 8.83 -26.19
N ARG A 639 -20.20 8.44 -27.41
CA ARG A 639 -19.50 7.18 -27.64
C ARG A 639 -18.14 7.14 -26.98
N LEU A 640 -17.37 8.24 -26.87
CA LEU A 640 -16.11 8.16 -26.17
C LEU A 640 -15.89 9.36 -25.27
N ARG A 641 -15.57 9.09 -24.01
CA ARG A 641 -15.27 10.14 -23.05
C ARG A 641 -13.97 9.80 -22.29
N VAL A 642 -13.09 10.75 -21.96
CA VAL A 642 -11.88 10.48 -21.17
C VAL A 642 -12.00 11.35 -19.93
N ILE A 643 -11.75 10.72 -18.79
CA ILE A 643 -11.98 11.32 -17.49
C ILE A 643 -10.69 11.09 -16.70
N PHE A 644 -10.09 12.18 -16.19
CA PHE A 644 -8.95 12.06 -15.33
C PHE A 644 -9.58 12.13 -13.95
N LEU A 645 -9.37 11.07 -13.19
CA LEU A 645 -9.83 10.87 -11.82
C LEU A 645 -8.97 11.48 -10.70
N GLU A 646 -9.41 12.66 -10.29
CA GLU A 646 -8.74 13.50 -9.34
C GLU A 646 -8.65 12.92 -7.94
N ASN A 647 -7.45 13.09 -7.42
CA ASN A 647 -7.10 12.74 -6.07
C ASN A 647 -7.41 11.31 -5.67
N TYR A 648 -6.91 10.39 -6.50
CA TYR A 648 -6.99 8.99 -6.28
C TYR A 648 -6.39 8.69 -4.95
N ARG A 649 -7.11 7.96 -4.14
CA ARG A 649 -6.63 7.55 -2.83
C ARG A 649 -7.51 6.37 -2.46
N VAL A 650 -7.27 5.75 -1.28
CA VAL A 650 -8.02 4.61 -0.87
C VAL A 650 -9.52 4.86 -0.94
N SER A 651 -10.18 5.91 -0.45
CA SER A 651 -11.60 5.96 -0.46
C SER A 651 -12.14 6.16 -1.82
N LEU A 652 -11.34 6.70 -2.75
CA LEU A 652 -11.88 6.83 -4.09
C LEU A 652 -11.77 5.44 -4.74
N ALA A 653 -10.72 4.66 -4.44
CA ALA A 653 -10.62 3.31 -4.97
C ALA A 653 -11.83 2.54 -4.50
N GLU A 654 -12.36 2.71 -3.28
CA GLU A 654 -13.53 1.93 -2.91
C GLU A 654 -14.77 2.31 -3.69
N LYS A 655 -14.80 3.49 -4.33
CA LYS A 655 -15.88 3.94 -5.19
C LYS A 655 -15.77 3.44 -6.60
N VAL A 656 -14.65 3.71 -7.32
CA VAL A 656 -14.41 3.33 -8.72
C VAL A 656 -14.30 1.85 -8.99
N ILE A 657 -13.43 1.10 -8.32
CA ILE A 657 -13.22 -0.32 -8.57
C ILE A 657 -14.50 -1.16 -8.63
N PRO A 658 -15.59 -0.99 -7.90
CA PRO A 658 -16.87 -1.69 -8.12
C PRO A 658 -17.63 -1.27 -9.36
N ALA A 659 -17.38 -0.07 -9.84
CA ALA A 659 -18.00 0.44 -11.02
C ALA A 659 -17.18 0.06 -12.25
N ALA A 660 -16.00 -0.60 -12.11
CA ALA A 660 -15.16 -0.97 -13.25
C ALA A 660 -15.65 -2.18 -14.04
N ASP A 661 -15.59 -2.07 -15.36
CA ASP A 661 -15.85 -3.19 -16.25
C ASP A 661 -14.51 -3.71 -16.72
N LEU A 662 -13.54 -2.83 -17.05
CA LEU A 662 -12.27 -3.26 -17.58
C LEU A 662 -11.23 -2.65 -16.69
N SER A 663 -10.24 -3.40 -16.25
CA SER A 663 -9.12 -3.06 -15.38
C SER A 663 -7.87 -2.88 -16.23
N GLU A 664 -7.15 -1.78 -16.29
CA GLU A 664 -5.95 -1.71 -17.14
C GLU A 664 -4.72 -2.03 -16.33
N GLN A 665 -4.07 -3.18 -16.59
CA GLN A 665 -2.86 -3.65 -15.86
C GLN A 665 -1.75 -3.88 -16.86
N ILE A 666 -1.37 -2.75 -17.44
CA ILE A 666 -0.59 -2.64 -18.64
C ILE A 666 0.92 -2.43 -18.56
N SER A 667 1.62 -2.88 -17.51
CA SER A 667 3.02 -2.53 -17.30
C SER A 667 3.95 -3.29 -18.26
N THR A 668 5.17 -2.87 -18.57
CA THR A 668 6.04 -3.60 -19.45
C THR A 668 6.34 -4.84 -18.66
N ALA A 669 6.23 -6.03 -19.21
CA ALA A 669 6.53 -7.23 -18.48
C ALA A 669 7.88 -7.19 -17.80
N GLY A 670 7.86 -7.61 -16.55
CA GLY A 670 9.06 -7.67 -15.74
C GLY A 670 9.26 -6.41 -14.91
N THR A 671 8.49 -5.33 -15.02
CA THR A 671 8.67 -4.17 -14.16
C THR A 671 7.69 -4.14 -12.94
N GLU A 672 6.47 -4.69 -12.89
CA GLU A 672 5.56 -4.52 -11.76
C GLU A 672 5.83 -5.69 -10.90
N ALA A 673 6.24 -5.53 -9.67
CA ALA A 673 6.60 -6.67 -8.85
C ALA A 673 5.45 -7.60 -8.55
N SER A 674 4.30 -6.99 -8.31
CA SER A 674 3.05 -7.65 -8.05
C SER A 674 1.91 -6.78 -8.58
N GLY A 675 1.68 -5.64 -7.97
CA GLY A 675 0.49 -4.87 -8.21
C GLY A 675 -0.53 -5.48 -7.26
N THR A 676 -1.48 -4.78 -6.61
CA THR A 676 -2.55 -5.36 -5.81
C THR A 676 -3.92 -4.81 -6.24
N GLY A 677 -3.87 -3.73 -7.00
CA GLY A 677 -5.04 -3.11 -7.60
C GLY A 677 -5.62 -4.08 -8.60
N ASN A 678 -4.76 -4.81 -9.34
CA ASN A 678 -5.26 -5.82 -10.23
C ASN A 678 -6.16 -6.83 -9.52
N MET A 679 -5.79 -7.28 -8.33
CA MET A 679 -6.60 -8.20 -7.49
C MET A 679 -7.95 -7.60 -7.04
N LYS A 680 -7.97 -6.34 -6.60
CA LYS A 680 -9.18 -5.71 -6.08
C LYS A 680 -10.31 -5.65 -7.09
N PHE A 681 -9.86 -5.43 -8.32
CA PHE A 681 -10.65 -5.33 -9.51
C PHE A 681 -11.10 -6.72 -9.91
N MET A 682 -10.35 -7.80 -9.73
CA MET A 682 -10.84 -9.13 -10.04
C MET A 682 -11.92 -9.47 -9.02
N LEU A 683 -11.91 -9.22 -7.68
CA LEU A 683 -13.04 -9.66 -6.83
C LEU A 683 -14.32 -8.91 -7.04
N ASN A 684 -14.22 -7.77 -7.74
CA ASN A 684 -15.35 -6.88 -7.92
C ASN A 684 -15.94 -6.89 -9.31
N GLY A 685 -15.78 -7.97 -10.06
CA GLY A 685 -16.40 -8.14 -11.37
C GLY A 685 -15.93 -7.19 -12.47
N ALA A 686 -14.64 -7.00 -12.60
CA ALA A 686 -14.13 -6.27 -13.73
C ALA A 686 -13.28 -7.30 -14.41
N LEU A 687 -13.00 -7.17 -15.68
CA LEU A 687 -12.17 -8.10 -16.42
C LEU A 687 -10.80 -7.47 -16.62
N THR A 688 -9.73 -8.26 -16.68
CA THR A 688 -8.42 -7.65 -16.84
C THR A 688 -7.88 -7.70 -18.25
N ILE A 689 -7.41 -6.55 -18.73
CA ILE A 689 -6.58 -6.57 -19.92
C ILE A 689 -5.20 -6.27 -19.34
N GLY A 690 -4.20 -7.11 -19.55
CA GLY A 690 -2.90 -6.85 -18.98
C GLY A 690 -1.82 -7.68 -19.61
N THR A 691 -0.56 -7.29 -19.42
CA THR A 691 0.62 -8.02 -19.82
C THR A 691 0.88 -9.15 -18.80
N MET A 692 1.66 -10.12 -19.17
CA MET A 692 2.08 -11.14 -18.24
C MET A 692 3.16 -10.51 -17.30
N ASP A 693 2.71 -9.82 -16.26
CA ASP A 693 3.58 -9.15 -15.31
C ASP A 693 3.14 -9.37 -13.89
N GLY A 694 4.11 -9.44 -12.99
CA GLY A 694 3.85 -9.58 -11.60
C GLY A 694 2.82 -10.63 -11.32
N ALA A 695 1.84 -10.27 -10.50
CA ALA A 695 0.82 -11.24 -10.17
C ALA A 695 -0.27 -11.38 -11.26
N ASN A 696 -0.34 -10.59 -12.36
CA ASN A 696 -1.33 -10.80 -13.47
C ASN A 696 -1.12 -12.22 -14.03
N VAL A 697 0.10 -12.74 -13.91
CA VAL A 697 0.48 -14.06 -14.35
C VAL A 697 -0.26 -15.09 -13.53
N GLU A 698 -0.32 -14.96 -12.20
CA GLU A 698 -0.92 -15.96 -11.30
C GLU A 698 -2.42 -15.86 -11.27
N MET A 699 -2.85 -14.65 -11.48
CA MET A 699 -4.24 -14.36 -11.62
C MET A 699 -4.74 -15.06 -12.90
N ALA A 700 -4.13 -14.90 -14.08
CA ALA A 700 -4.59 -15.57 -15.30
C ALA A 700 -4.41 -17.06 -15.18
N GLU A 701 -3.40 -17.52 -14.49
CA GLU A 701 -3.21 -18.95 -14.26
C GLU A 701 -4.31 -19.52 -13.39
N GLU A 702 -4.83 -18.71 -12.49
CA GLU A 702 -5.93 -19.07 -11.63
C GLU A 702 -7.30 -19.05 -12.36
N ALA A 703 -7.60 -18.04 -13.20
CA ALA A 703 -8.87 -17.99 -13.94
C ALA A 703 -8.86 -18.70 -15.29
N GLY A 704 -7.66 -19.10 -15.76
CA GLY A 704 -7.44 -19.65 -17.06
C GLY A 704 -7.20 -18.47 -17.96
N GLU A 705 -6.19 -18.57 -18.80
CA GLU A 705 -5.86 -17.56 -19.79
C GLU A 705 -7.01 -17.26 -20.69
N GLU A 706 -7.93 -18.17 -20.93
CA GLU A 706 -9.08 -17.85 -21.75
C GLU A 706 -10.01 -16.81 -21.16
N ASN A 707 -9.98 -16.66 -19.82
CA ASN A 707 -10.84 -15.74 -19.06
C ASN A 707 -10.24 -14.36 -18.72
N PHE A 708 -9.12 -14.12 -19.36
CA PHE A 708 -8.24 -12.99 -19.13
C PHE A 708 -7.88 -12.35 -20.48
N PHE A 709 -7.61 -11.04 -20.60
CA PHE A 709 -7.21 -10.56 -21.91
C PHE A 709 -5.75 -10.09 -21.88
N ILE A 710 -4.83 -11.08 -21.95
CA ILE A 710 -3.35 -10.94 -22.05
C ILE A 710 -2.99 -10.58 -23.48
N PHE A 711 -2.03 -9.69 -23.60
CA PHE A 711 -1.51 -9.26 -24.87
C PHE A 711 -0.04 -9.05 -24.51
N GLY A 712 0.71 -8.63 -25.51
CA GLY A 712 2.03 -8.14 -25.34
C GLY A 712 3.12 -9.17 -25.12
N MET A 713 4.22 -8.45 -25.03
CA MET A 713 5.58 -8.95 -24.89
C MET A 713 5.69 -9.65 -23.53
N ARG A 714 6.31 -10.81 -23.48
CA ARG A 714 6.50 -11.51 -22.22
C ARG A 714 7.90 -11.08 -21.76
N VAL A 715 8.47 -11.39 -20.60
CA VAL A 715 9.78 -10.84 -20.26
C VAL A 715 10.87 -11.33 -21.20
N GLU A 716 10.91 -12.63 -21.60
CA GLU A 716 11.82 -13.19 -22.62
C GLU A 716 12.01 -12.29 -23.84
N ASP A 717 10.87 -11.83 -24.31
CA ASP A 717 10.77 -11.00 -25.48
C ASP A 717 11.34 -9.65 -25.19
N VAL A 718 11.22 -9.17 -23.96
CA VAL A 718 11.75 -7.89 -23.61
C VAL A 718 13.24 -8.06 -23.60
N ASP A 719 13.82 -9.14 -23.06
CA ASP A 719 15.28 -9.33 -23.12
C ASP A 719 15.82 -9.46 -24.53
N ARG A 720 15.20 -10.23 -25.42
CA ARG A 720 15.54 -10.25 -26.82
C ARG A 720 15.48 -8.85 -27.39
N LEU A 721 14.53 -7.98 -27.09
CA LEU A 721 14.45 -6.68 -27.73
C LEU A 721 15.58 -5.79 -27.27
N ASP A 722 16.04 -6.05 -26.07
CA ASP A 722 17.10 -5.23 -25.53
C ASP A 722 18.45 -5.74 -25.98
N GLN A 723 18.59 -7.04 -26.28
CA GLN A 723 19.85 -7.55 -26.82
C GLN A 723 20.03 -6.90 -28.17
N ARG A 724 18.97 -6.98 -28.98
CA ARG A 724 18.80 -6.44 -30.33
C ARG A 724 18.98 -4.93 -30.26
N GLY A 725 18.32 -4.24 -29.33
CA GLY A 725 18.31 -2.81 -29.35
C GLY A 725 16.90 -2.38 -29.76
N TYR A 726 16.32 -1.69 -28.82
CA TYR A 726 15.00 -1.15 -29.04
C TYR A 726 15.20 0.03 -29.96
N ASN A 727 14.67 -0.05 -31.15
CA ASN A 727 14.66 1.15 -31.96
C ASN A 727 13.18 1.52 -32.13
N ALA A 728 12.72 2.63 -31.54
CA ALA A 728 11.33 2.99 -31.67
C ALA A 728 10.93 3.51 -33.02
N GLN A 729 11.88 4.00 -33.83
CA GLN A 729 11.59 4.50 -35.16
C GLN A 729 11.03 3.40 -36.04
N GLU A 730 11.47 2.13 -35.93
CA GLU A 730 10.90 0.97 -36.61
C GLU A 730 9.38 0.83 -36.42
N TYR A 731 8.81 1.10 -35.24
CA TYR A 731 7.39 1.01 -35.00
C TYR A 731 6.67 2.19 -35.60
N TYR A 732 7.35 3.30 -35.69
CA TYR A 732 6.78 4.49 -36.28
C TYR A 732 6.64 4.29 -37.79
N ASP A 733 7.73 3.84 -38.40
CA ASP A 733 7.78 3.55 -39.81
C ASP A 733 6.74 2.52 -40.20
N ARG A 734 6.65 1.38 -39.51
CA ARG A 734 5.67 0.38 -39.88
C ARG A 734 4.22 0.59 -39.46
N ILE A 735 3.78 1.45 -38.52
CA ILE A 735 2.38 1.48 -38.12
C ILE A 735 1.81 2.85 -38.36
N PRO A 736 1.04 3.04 -39.44
CA PRO A 736 0.40 4.29 -39.79
C PRO A 736 -0.50 4.88 -38.75
N GLU A 737 -1.36 4.12 -38.05
CA GLU A 737 -2.22 4.64 -37.01
C GLU A 737 -1.30 5.18 -35.94
N LEU A 738 -0.11 4.60 -35.71
CA LEU A 738 0.83 5.10 -34.72
C LEU A 738 1.54 6.32 -35.27
N ARG A 739 1.96 6.37 -36.54
CA ARG A 739 2.60 7.52 -37.19
C ARG A 739 1.77 8.78 -37.02
N GLN A 740 0.50 8.62 -37.37
CA GLN A 740 -0.47 9.67 -37.21
C GLN A 740 -0.60 10.22 -35.77
N ILE A 741 -0.62 9.41 -34.72
CA ILE A 741 -0.73 9.94 -33.36
C ILE A 741 0.50 10.80 -33.01
N ILE A 742 1.70 10.32 -33.29
CA ILE A 742 2.95 11.04 -33.02
C ILE A 742 2.86 12.34 -33.74
N GLU A 743 2.39 12.39 -34.97
CA GLU A 743 2.29 13.68 -35.58
C GLU A 743 1.21 14.55 -35.04
N GLN A 744 0.15 14.01 -34.46
CA GLN A 744 -0.87 14.88 -33.91
C GLN A 744 -0.31 15.42 -32.61
N LEU A 745 0.49 14.69 -31.88
CA LEU A 745 1.05 15.22 -30.64
C LEU A 745 2.04 16.31 -30.95
N SER A 746 2.91 16.11 -31.95
CA SER A 746 3.88 17.09 -32.42
C SER A 746 3.31 18.35 -33.04
N SER A 747 2.12 18.39 -33.62
CA SER A 747 1.72 19.59 -34.29
C SER A 747 0.75 20.43 -33.51
N GLY A 748 0.57 20.19 -32.22
CA GLY A 748 -0.37 20.99 -31.47
C GLY A 748 -1.82 20.60 -31.64
N PHE A 749 -2.17 19.42 -32.17
CA PHE A 749 -3.56 19.05 -32.32
C PHE A 749 -4.25 18.99 -30.97
N PHE A 750 -3.53 18.43 -30.00
CA PHE A 750 -4.01 18.31 -28.65
C PHE A 750 -3.57 19.49 -27.76
N SER A 751 -2.78 20.45 -28.23
CA SER A 751 -2.40 21.62 -27.47
C SER A 751 -2.36 22.85 -28.40
N PRO A 752 -3.48 23.38 -28.93
CA PRO A 752 -3.51 24.32 -30.05
C PRO A 752 -2.76 25.60 -29.78
N LYS A 753 -3.18 26.31 -28.73
CA LYS A 753 -2.59 27.58 -28.32
C LYS A 753 -1.11 27.46 -28.05
N GLN A 754 -0.58 26.24 -27.90
CA GLN A 754 0.83 26.05 -27.70
C GLN A 754 1.36 24.70 -28.20
N PRO A 755 1.82 24.70 -29.44
CA PRO A 755 1.95 23.52 -30.28
C PRO A 755 3.03 22.52 -29.85
N ASP A 756 4.16 23.06 -29.46
CA ASP A 756 5.30 22.27 -29.05
C ASP A 756 5.10 21.65 -27.66
N LEU A 757 4.06 22.05 -26.88
CA LEU A 757 3.80 21.56 -25.53
C LEU A 757 4.07 20.08 -25.29
N PHE A 758 3.85 19.11 -26.18
CA PHE A 758 4.12 17.71 -25.82
C PHE A 758 5.40 17.16 -26.41
N LYS A 759 6.33 17.97 -26.89
CA LYS A 759 7.49 17.41 -27.56
C LYS A 759 8.50 16.75 -26.63
N ASP A 760 8.35 16.95 -25.34
CA ASP A 760 9.10 16.22 -24.33
C ASP A 760 8.80 14.69 -24.38
N ILE A 761 7.49 14.42 -24.46
CA ILE A 761 6.87 13.10 -24.51
C ILE A 761 7.11 12.49 -25.91
N VAL A 762 7.01 13.25 -27.00
CA VAL A 762 7.36 12.67 -28.30
C VAL A 762 8.84 12.31 -28.32
N ASN A 763 9.73 13.16 -27.84
CA ASN A 763 11.15 12.87 -27.89
C ASN A 763 11.52 11.66 -27.07
N MET A 764 10.78 11.49 -25.98
CA MET A 764 11.03 10.40 -25.08
C MET A 764 10.59 9.08 -25.70
N LEU A 765 9.32 8.96 -26.13
CA LEU A 765 8.74 7.77 -26.76
C LEU A 765 9.65 7.35 -27.89
N MET A 766 10.04 8.34 -28.70
CA MET A 766 10.93 8.14 -29.83
C MET A 766 12.38 7.81 -29.54
N HIS A 767 12.99 8.35 -28.49
CA HIS A 767 14.42 8.17 -28.35
C HIS A 767 14.82 7.63 -27.03
N HIS A 768 14.03 7.70 -26.00
CA HIS A 768 14.52 7.31 -24.69
C HIS A 768 13.52 6.42 -23.94
N ASP A 769 12.75 5.63 -24.70
CA ASP A 769 11.77 4.81 -24.04
C ASP A 769 12.32 3.55 -23.37
N ARG A 770 12.38 3.72 -22.07
CA ARG A 770 12.85 2.71 -21.17
C ARG A 770 11.84 1.62 -21.07
N PHE A 771 10.58 1.93 -21.36
CA PHE A 771 9.57 0.95 -21.13
C PHE A 771 8.86 0.46 -22.38
N LYS A 772 9.44 0.70 -23.59
CA LYS A 772 8.92 0.09 -24.82
C LYS A 772 7.41 0.29 -25.06
N VAL A 773 6.90 1.51 -25.20
CA VAL A 773 5.44 1.72 -25.35
C VAL A 773 5.02 1.25 -26.74
N PHE A 774 5.71 1.68 -27.82
CA PHE A 774 5.45 1.27 -29.19
C PHE A 774 5.49 -0.23 -29.50
N ALA A 775 6.23 -1.04 -28.75
CA ALA A 775 6.33 -2.45 -29.03
C ALA A 775 5.12 -3.24 -28.64
N ASP A 776 4.39 -2.68 -27.69
CA ASP A 776 3.21 -3.42 -27.28
C ASP A 776 1.93 -2.83 -27.86
N TYR A 777 2.09 -1.74 -28.63
CA TYR A 777 1.01 -1.01 -29.21
C TYR A 777 0.16 -1.87 -30.14
N GLU A 778 0.70 -2.57 -31.15
CA GLU A 778 -0.13 -3.36 -32.05
C GLU A 778 -0.94 -4.39 -31.31
N GLU A 779 -0.32 -5.27 -30.55
CA GLU A 779 -1.01 -6.31 -29.82
C GLU A 779 -2.06 -5.85 -28.84
N TYR A 780 -1.83 -4.68 -28.24
CA TYR A 780 -2.76 -4.01 -27.33
C TYR A 780 -3.94 -3.41 -28.06
N VAL A 781 -3.88 -2.67 -29.21
CA VAL A 781 -5.15 -2.26 -29.82
C VAL A 781 -5.89 -3.48 -30.38
N LYS A 782 -5.21 -4.56 -30.79
CA LYS A 782 -5.83 -5.80 -31.18
C LYS A 782 -6.64 -6.34 -30.01
N CYS A 783 -5.97 -6.57 -28.88
CA CYS A 783 -6.59 -7.11 -27.67
C CYS A 783 -7.78 -6.28 -27.24
N GLN A 784 -7.67 -4.93 -27.40
CA GLN A 784 -8.74 -4.03 -27.04
C GLN A 784 -9.91 -4.20 -27.98
N GLU A 785 -9.74 -4.72 -29.20
CA GLU A 785 -10.86 -4.97 -30.07
C GLU A 785 -11.51 -6.25 -29.54
N ARG A 786 -10.77 -7.22 -29.00
CA ARG A 786 -11.40 -8.41 -28.46
C ARG A 786 -12.24 -8.17 -27.21
N VAL A 787 -12.03 -7.14 -26.37
CA VAL A 787 -12.88 -6.96 -25.17
C VAL A 787 -14.20 -6.25 -25.57
N SER A 788 -14.15 -5.27 -26.47
CA SER A 788 -15.33 -4.63 -27.03
C SER A 788 -16.21 -5.66 -27.74
N ALA A 789 -15.59 -6.65 -28.37
CA ALA A 789 -16.39 -7.69 -28.99
C ALA A 789 -17.18 -8.47 -27.94
N LEU A 790 -16.57 -8.75 -26.80
CA LEU A 790 -17.23 -9.48 -25.75
C LEU A 790 -18.23 -8.60 -25.03
N TYR A 791 -17.97 -7.33 -24.82
CA TYR A 791 -18.87 -6.48 -24.05
C TYR A 791 -20.25 -6.43 -24.67
N LYS A 792 -20.29 -6.31 -25.99
CA LYS A 792 -21.56 -6.25 -26.65
C LYS A 792 -22.22 -7.62 -26.70
N ASN A 793 -21.70 -8.71 -26.13
CA ASN A 793 -22.53 -9.89 -25.89
C ASN A 793 -22.55 -10.05 -24.38
N PRO A 794 -23.38 -9.23 -23.75
CA PRO A 794 -23.46 -9.14 -22.31
C PRO A 794 -23.46 -10.43 -21.49
N ARG A 795 -24.07 -11.56 -21.92
CA ARG A 795 -24.20 -12.68 -20.97
C ARG A 795 -22.95 -13.51 -20.99
N GLU A 796 -22.18 -13.37 -22.04
CA GLU A 796 -20.95 -14.08 -22.07
C GLU A 796 -19.87 -13.25 -21.34
N TRP A 797 -19.95 -11.88 -21.32
CA TRP A 797 -19.13 -11.06 -20.41
C TRP A 797 -19.37 -11.44 -18.94
N THR A 798 -20.61 -11.50 -18.47
CA THR A 798 -20.89 -11.81 -17.10
C THR A 798 -20.44 -13.21 -16.76
N ARG A 799 -20.40 -14.12 -17.74
CA ARG A 799 -19.94 -15.46 -17.43
C ARG A 799 -18.40 -15.48 -17.27
N MET A 800 -17.69 -14.68 -18.08
CA MET A 800 -16.26 -14.55 -17.92
C MET A 800 -15.97 -13.90 -16.56
N VAL A 801 -16.76 -12.88 -16.23
CA VAL A 801 -16.72 -12.21 -14.92
C VAL A 801 -17.00 -13.23 -13.85
N ILE A 802 -17.93 -14.18 -13.99
CA ILE A 802 -18.21 -15.10 -12.88
C ILE A 802 -17.02 -16.02 -12.71
N ARG A 803 -16.22 -16.23 -13.75
CA ARG A 803 -15.07 -17.11 -13.67
C ARG A 803 -13.85 -16.42 -13.08
N ASN A 804 -13.81 -15.10 -13.15
CA ASN A 804 -12.77 -14.34 -12.50
C ASN A 804 -13.14 -14.25 -11.03
N ILE A 805 -14.34 -13.77 -10.67
CA ILE A 805 -14.73 -13.64 -9.28
C ILE A 805 -14.62 -14.95 -8.52
N ALA A 806 -15.02 -16.03 -9.14
CA ALA A 806 -14.98 -17.31 -8.48
C ALA A 806 -13.58 -17.85 -8.33
N THR A 807 -12.61 -17.21 -8.93
CA THR A 807 -11.27 -17.65 -8.79
C THR A 807 -10.37 -16.61 -8.09
N SER A 808 -10.93 -15.64 -7.34
CA SER A 808 -10.13 -14.64 -6.58
C SER A 808 -9.50 -15.12 -5.29
N GLY A 809 -9.95 -16.27 -4.74
CA GLY A 809 -9.54 -16.78 -3.46
C GLY A 809 -8.07 -16.73 -3.19
N LYS A 810 -7.22 -17.17 -4.11
CA LYS A 810 -5.75 -17.14 -3.88
C LYS A 810 -5.29 -15.74 -3.46
N PHE A 811 -5.97 -14.70 -3.90
CA PHE A 811 -5.48 -13.35 -3.72
C PHE A 811 -5.98 -12.65 -2.48
N SER A 812 -6.26 -13.35 -1.41
CA SER A 812 -6.68 -12.76 -0.19
C SER A 812 -5.44 -12.61 0.64
N SER A 813 -5.32 -11.55 1.46
CA SER A 813 -4.18 -11.40 2.36
C SER A 813 -4.27 -12.39 3.52
N ASP A 814 -5.38 -13.13 3.69
CA ASP A 814 -5.43 -14.09 4.78
C ASP A 814 -4.58 -15.24 4.31
N ARG A 815 -4.56 -15.58 3.02
CA ARG A 815 -3.67 -16.62 2.54
C ARG A 815 -2.19 -16.17 2.58
N THR A 816 -1.84 -14.98 2.09
CA THR A 816 -0.49 -14.44 2.12
C THR A 816 0.04 -14.42 3.54
N ILE A 817 -0.77 -13.95 4.52
CA ILE A 817 -0.33 -13.85 5.90
C ILE A 817 -0.29 -15.23 6.49
N ALA A 818 -1.20 -16.15 6.21
CA ALA A 818 -1.02 -17.51 6.69
C ALA A 818 0.26 -18.10 6.09
N GLN A 819 0.75 -17.68 4.91
CA GLN A 819 2.02 -18.21 4.45
C GLN A 819 3.20 -17.48 5.10
N TYR A 820 3.25 -16.14 5.33
CA TYR A 820 4.29 -15.56 6.18
C TYR A 820 4.32 -16.17 7.57
N ALA A 821 3.15 -16.34 8.19
CA ALA A 821 3.01 -16.95 9.52
C ALA A 821 3.73 -18.28 9.62
N ARG A 822 3.31 -19.19 8.75
CA ARG A 822 3.91 -20.50 8.66
C ARG A 822 5.32 -20.63 8.15
N GLU A 823 5.79 -19.91 7.12
CA GLU A 823 7.07 -20.24 6.50
C GLU A 823 8.22 -19.26 6.70
N ILE A 824 7.86 -18.13 7.33
CA ILE A 824 8.83 -17.13 7.72
C ILE A 824 8.79 -16.79 9.23
N TRP A 825 7.63 -16.69 9.87
CA TRP A 825 7.58 -16.22 11.23
C TRP A 825 7.52 -17.37 12.18
N GLY A 826 6.93 -18.50 11.81
CA GLY A 826 6.94 -19.66 12.67
C GLY A 826 5.77 -19.65 13.60
N VAL A 827 4.62 -19.09 13.21
CA VAL A 827 3.40 -19.02 14.03
C VAL A 827 2.33 -19.76 13.25
N GLU A 828 1.32 -20.28 13.93
CA GLU A 828 0.24 -20.95 13.25
C GLU A 828 -0.85 -19.91 13.25
N PRO A 829 -1.52 -19.51 12.18
CA PRO A 829 -2.73 -18.71 12.25
C PRO A 829 -3.91 -19.31 13.03
N SER A 830 -5.02 -18.58 13.26
CA SER A 830 -6.18 -19.10 13.95
C SER A 830 -7.41 -18.23 13.65
N ARG A 831 -8.60 -18.75 13.86
CA ARG A 831 -9.85 -18.02 13.61
C ARG A 831 -10.87 -18.10 14.76
N GLN A 832 -10.41 -18.84 15.78
CA GLN A 832 -11.15 -19.14 16.99
C GLN A 832 -11.30 -17.77 17.64
N ARG A 833 -12.55 -17.33 17.77
CA ARG A 833 -12.78 -16.01 18.30
C ARG A 833 -12.42 -15.97 19.77
N LEU A 834 -11.78 -14.86 20.08
CA LEU A 834 -11.36 -14.55 21.42
C LEU A 834 -12.63 -14.30 22.17
N PRO A 835 -12.71 -14.64 23.45
CA PRO A 835 -13.87 -14.41 24.27
C PRO A 835 -14.44 -13.00 24.18
N ALA A 836 -15.75 -13.18 24.07
CA ALA A 836 -16.73 -12.12 23.98
C ALA A 836 -16.36 -10.88 24.77
N PRO A 837 -16.54 -9.68 24.23
CA PRO A 837 -16.04 -8.42 24.78
C PRO A 837 -16.13 -8.15 26.30
N ASP A 838 -17.13 -8.79 26.89
CA ASP A 838 -17.59 -8.57 28.24
C ASP A 838 -16.80 -8.27 29.48
N GLU A 839 -17.47 -7.22 29.98
CA GLU A 839 -17.21 -6.37 31.12
C GLU A 839 -16.04 -6.79 32.01
N LYS A 840 -16.28 -7.35 33.19
CA LYS A 840 -15.32 -7.75 34.20
C LYS A 840 -14.16 -6.80 34.39
N ILE A 841 -14.23 -5.85 35.32
CA ILE A 841 -12.99 -5.19 35.67
C ILE A 841 -12.54 -6.09 36.85
N PRO A 842 -11.34 -6.67 36.73
CA PRO A 842 -10.72 -7.47 37.77
C PRO A 842 -9.97 -6.64 38.82
C1 GFP B . 5.27 -1.49 -4.97
C2 GFP B . 5.51 -2.18 -6.34
C3 GFP B . 4.27 -3.02 -6.58
C4 GFP B . 3.81 -3.91 -5.42
C5 GFP B . 3.69 -3.10 -4.12
C6 GFP B . 3.32 -3.92 -2.88
O1 GFP B . 4.21 -0.58 -5.12
O3 GFP B . 4.48 -3.94 -7.62
O4 GFP B . 2.56 -4.53 -5.71
O5 GFP B . 4.95 -2.47 -3.92
O6 GFP B . 4.19 -5.03 -2.78
F2 GFP B . 5.80 -1.32 -7.39
P GFP B . 4.18 0.98 -4.82
O1P GFP B . 5.45 1.46 -5.41
O2P GFP B . 2.92 1.51 -5.47
O3P GFP B . 4.10 1.06 -3.33
C1 GFP C . 0.13 -0.82 26.69
C2 GFP C . -0.02 -0.90 28.24
C3 GFP C . -0.86 -2.16 28.56
C4 GFP C . -2.27 -1.97 27.93
C5 GFP C . -2.15 -1.76 26.37
C6 GFP C . -3.51 -1.50 25.60
O1 GFP C . 0.76 -2.01 26.14
O3 GFP C . -0.97 -2.43 29.97
O4 GFP C . -3.10 -3.08 28.26
O5 GFP C . -1.23 -0.63 26.13
O6 GFP C . -4.45 -0.74 26.40
F2 GFP C . 1.12 -0.85 29.03
P GFP C . 2.32 -2.38 26.16
O1P GFP C . 2.74 -2.44 27.59
O2P GFP C . 2.59 -3.68 25.46
O3P GFP C . 2.99 -1.25 25.40
N1 PLP D . -3.35 3.26 -4.55
C2 PLP D . -4.49 2.93 -3.89
C2A PLP D . -5.39 3.99 -3.36
C3 PLP D . -4.85 1.64 -3.72
O3 PLP D . -6.12 1.36 -3.28
C4 PLP D . -4.05 0.65 -4.22
C4A PLP D . -4.50 -0.80 -4.15
C5 PLP D . -2.90 0.99 -4.91
C6 PLP D . -2.56 2.30 -5.06
C5A PLP D . -2.10 -0.07 -5.68
O4P PLP D . -2.39 -0.05 -7.11
P PLP D . -1.53 -0.83 -8.17
O1P PLP D . -1.13 -2.12 -7.63
O2P PLP D . -2.28 -0.76 -9.46
O3P PLP D . -0.19 0.00 -8.29
#